data_3TT7
#
_entry.id   3TT7
#
_cell.length_a   122.337
_cell.length_b   152.000
_cell.length_c   110.067
_cell.angle_alpha   90.000
_cell.angle_beta   113.210
_cell.angle_gamma   90.000
#
_symmetry.space_group_name_H-M   'C 1 2 1'
#
loop_
_entity.id
_entity.type
_entity.pdbx_description
1 polymer 'ATP-dependent Clp protease proteolytic subunit'
2 non-polymer 'DIISOPROPYL PHOSPHONATE'
3 water water
#
_entity_poly.entity_id   1
_entity_poly.type   'polypeptide(L)'
_entity_poly.pdbx_seq_one_letter_code
;MNLIPTVIEQTNRGERAYDIYSRLLKDRIIMLGSAIDDNVANSIVSQLLFLAAEDPEKEISLYINSPGGSITAGMAIYDT
MQFIKPKVSTICIGMAASMGAFLLAAGEKGKRYALPNSEVMIHQPLGGAQGQATEIEIAAKRILLLRDKLNKVLAERTGQ
PLEVIERDTDRDNFKSAEEALEYGLIDKILTHTEDKK
;
_entity_poly.pdbx_strand_id   A,B,C,D,E,F,G
#
# COMPACT_ATOMS: atom_id res chain seq x y z
N ILE A 4 14.55 0.94 0.55
CA ILE A 4 15.36 0.00 -0.21
C ILE A 4 15.66 0.55 -1.60
N PRO A 5 16.93 0.92 -1.86
CA PRO A 5 17.48 1.50 -3.10
C PRO A 5 17.73 0.47 -4.21
N THR A 6 17.78 0.94 -5.47
CA THR A 6 17.97 0.08 -6.63
C THR A 6 19.37 0.17 -7.30
N VAL A 7 19.88 -0.95 -7.80
CA VAL A 7 21.26 -1.05 -8.32
C VAL A 7 21.37 -1.80 -9.66
N ILE A 8 21.87 -1.13 -10.71
CA ILE A 8 21.87 -1.66 -12.08
C ILE A 8 22.92 -2.73 -12.35
N ALA A 17 19.22 -4.98 -12.92
CA ALA A 17 18.57 -4.18 -11.87
C ALA A 17 18.21 -4.96 -10.58
N TYR A 18 18.73 -4.52 -9.43
CA TYR A 18 18.42 -5.15 -8.14
C TYR A 18 18.03 -4.13 -7.07
N ASP A 19 17.28 -4.56 -6.06
CA ASP A 19 17.23 -3.76 -4.83
C ASP A 19 18.51 -4.07 -4.03
N ILE A 20 18.94 -3.16 -3.15
CA ILE A 20 20.24 -3.31 -2.52
C ILE A 20 20.49 -4.68 -1.86
N TYR A 21 19.50 -5.20 -1.14
CA TYR A 21 19.64 -6.48 -0.46
C TYR A 21 19.82 -7.62 -1.45
N SER A 22 19.22 -7.51 -2.64
CA SER A 22 19.38 -8.55 -3.67
C SER A 22 20.75 -8.53 -4.32
N ARG A 23 21.31 -7.34 -4.49
CA ARG A 23 22.64 -7.22 -5.03
C ARG A 23 23.60 -7.97 -4.11
N LEU A 24 23.38 -7.80 -2.81
CA LEU A 24 24.21 -8.44 -1.80
C LEU A 24 24.02 -9.96 -1.76
N LEU A 25 22.81 -10.40 -2.10
CA LEU A 25 22.52 -11.82 -2.13
C LEU A 25 23.33 -12.47 -3.25
N LYS A 26 23.61 -11.69 -4.28
CA LYS A 26 24.44 -12.16 -5.38
C LYS A 26 25.79 -12.57 -4.83
N ASP A 27 26.28 -11.78 -3.86
CA ASP A 27 27.59 -11.97 -3.24
C ASP A 27 27.54 -12.96 -2.06
N ARG A 28 26.41 -13.66 -1.93
CA ARG A 28 26.25 -14.66 -0.88
C ARG A 28 26.21 -14.03 0.53
N ILE A 29 25.69 -12.80 0.58
CA ILE A 29 25.50 -12.06 1.82
C ILE A 29 24.01 -11.88 2.16
N ILE A 30 23.60 -12.40 3.31
CA ILE A 30 22.22 -12.27 3.78
C ILE A 30 22.08 -11.32 4.98
N MET A 31 21.16 -10.37 4.88
CA MET A 31 20.98 -9.36 5.94
C MET A 31 19.77 -9.63 6.83
N LEU A 32 19.99 -9.81 8.12
CA LEU A 32 18.89 -9.89 9.07
C LEU A 32 18.90 -8.66 9.96
N GLY A 33 17.98 -7.74 9.65
CA GLY A 33 17.85 -6.47 10.32
C GLY A 33 16.55 -6.21 11.08
N SER A 34 15.76 -7.26 11.29
CA SER A 34 14.47 -7.05 11.91
C SER A 34 14.28 -8.02 13.06
N ALA A 35 13.11 -8.02 13.67
CA ALA A 35 12.76 -9.11 14.58
C ALA A 35 12.50 -10.38 13.76
N ILE A 36 12.66 -11.53 14.39
CA ILE A 36 12.46 -12.82 13.74
C ILE A 36 11.04 -13.34 13.93
N ASP A 37 10.26 -13.37 12.86
CA ASP A 37 8.96 -14.04 12.92
C ASP A 37 8.83 -14.98 11.73
N ASP A 38 7.68 -15.63 11.62
CA ASP A 38 7.48 -16.63 10.57
C ASP A 38 7.85 -16.06 9.21
N ASN A 39 7.56 -14.78 9.00
CA ASN A 39 7.79 -14.18 7.70
C ASN A 39 9.25 -13.99 7.37
N VAL A 40 9.98 -13.44 8.33
CA VAL A 40 11.41 -13.24 8.16
C VAL A 40 12.09 -14.59 8.02
N ALA A 41 11.70 -15.56 8.84
CA ALA A 41 12.30 -16.89 8.73
C ALA A 41 12.01 -17.55 7.38
N ASN A 42 10.85 -17.25 6.79
CA ASN A 42 10.51 -17.83 5.50
C ASN A 42 11.48 -17.32 4.45
N SER A 43 11.70 -16.01 4.48
CA SER A 43 12.57 -15.35 3.51
C SER A 43 14.03 -15.79 3.65
N ILE A 44 14.55 -15.81 4.87
CA ILE A 44 15.91 -16.28 5.15
C ILE A 44 16.15 -17.74 4.76
N VAL A 45 15.33 -18.65 5.28
CA VAL A 45 15.40 -20.06 4.93
C VAL A 45 15.45 -20.26 3.42
N SER A 46 14.67 -19.45 2.69
CA SER A 46 14.66 -19.51 1.23
C SER A 46 15.96 -18.99 0.60
N GLN A 47 16.49 -17.89 1.13
CA GLN A 47 17.77 -17.35 0.65
C GLN A 47 18.88 -18.37 0.91
N LEU A 48 18.82 -19.04 2.05
CA LEU A 48 19.76 -20.12 2.35
C LEU A 48 19.66 -21.29 1.37
N LEU A 49 18.46 -21.83 1.17
CA LEU A 49 18.26 -22.93 0.25
C LEU A 49 18.74 -22.56 -1.13
N PHE A 50 18.45 -21.33 -1.51
CA PHE A 50 18.75 -20.87 -2.84
C PHE A 50 20.25 -20.75 -3.04
N LEU A 51 20.95 -20.18 -2.06
CA LEU A 51 22.39 -20.06 -2.17
C LEU A 51 23.09 -21.42 -2.18
N ALA A 52 22.56 -22.36 -1.40
CA ALA A 52 23.13 -23.72 -1.33
C ALA A 52 22.95 -24.52 -2.61
N ALA A 53 21.84 -24.28 -3.31
CA ALA A 53 21.61 -24.93 -4.59
C ALA A 53 22.41 -24.26 -5.70
N GLU A 54 22.73 -22.98 -5.51
CA GLU A 54 23.48 -22.23 -6.51
C GLU A 54 24.92 -22.73 -6.59
N ASP A 55 25.60 -22.71 -5.45
CA ASP A 55 26.94 -23.28 -5.31
C ASP A 55 27.12 -24.02 -3.99
N PRO A 56 26.83 -25.33 -3.99
CA PRO A 56 26.92 -26.09 -2.74
C PRO A 56 28.19 -25.81 -1.95
N GLU A 57 29.33 -25.62 -2.62
CA GLU A 57 30.60 -25.52 -1.90
C GLU A 57 30.94 -24.14 -1.32
N LYS A 58 30.40 -23.06 -1.90
CA LYS A 58 30.81 -21.72 -1.50
C LYS A 58 30.17 -21.18 -0.19
N GLU A 59 30.96 -20.49 0.62
CA GLU A 59 30.52 -20.07 1.95
C GLU A 59 29.40 -19.02 1.88
N ILE A 60 28.69 -18.83 2.98
CA ILE A 60 27.63 -17.81 3.06
C ILE A 60 27.84 -16.87 4.25
N SER A 61 27.62 -15.57 4.03
CA SER A 61 27.71 -14.60 5.11
C SER A 61 26.34 -14.10 5.59
N LEU A 62 26.10 -14.18 6.89
CA LEU A 62 24.83 -13.69 7.48
C LEU A 62 25.05 -12.57 8.51
N TYR A 63 24.69 -11.34 8.16
CA TYR A 63 24.78 -10.22 9.09
C TYR A 63 23.56 -10.14 10.03
N ILE A 64 23.81 -10.17 11.32
CA ILE A 64 22.71 -10.20 12.28
C ILE A 64 22.66 -8.94 13.13
N ASN A 65 21.66 -8.10 12.89
CA ASN A 65 21.25 -7.13 13.89
C ASN A 65 19.76 -7.31 14.16
N SER A 66 19.42 -7.97 15.25
CA SER A 66 18.02 -8.23 15.52
C SER A 66 17.75 -8.32 17.01
N PRO A 67 16.59 -7.83 17.46
CA PRO A 67 16.10 -7.97 18.84
C PRO A 67 15.68 -9.40 19.14
N GLY A 68 15.55 -10.24 18.12
CA GLY A 68 15.10 -11.61 18.33
C GLY A 68 13.65 -11.80 17.98
N GLY A 69 13.02 -12.84 18.54
CA GLY A 69 11.65 -13.12 18.18
C GLY A 69 11.28 -14.57 18.43
N SER A 70 10.31 -15.05 17.67
CA SER A 70 9.80 -16.39 17.85
C SER A 70 10.89 -17.44 17.93
N ILE A 71 10.72 -18.38 18.85
CA ILE A 71 11.65 -19.48 19.02
C ILE A 71 11.61 -20.45 17.84
N THR A 72 10.40 -20.76 17.37
CA THR A 72 10.25 -21.69 16.26
C THR A 72 10.71 -21.10 14.91
N ALA A 73 10.44 -19.83 14.68
CA ALA A 73 10.95 -19.18 13.49
C ALA A 73 12.46 -19.21 13.57
N GLY A 74 12.99 -19.04 14.78
CA GLY A 74 14.41 -19.00 15.01
C GLY A 74 15.08 -20.33 14.71
N MET A 75 14.45 -21.43 15.14
CA MET A 75 15.03 -22.75 14.90
C MET A 75 14.97 -23.18 13.44
N ALA A 76 14.05 -22.60 12.68
CA ALA A 76 13.90 -22.98 11.29
C ALA A 76 15.13 -22.47 10.56
N ILE A 77 15.54 -21.25 10.90
CA ILE A 77 16.75 -20.68 10.34
C ILE A 77 17.97 -21.46 10.81
N TYR A 78 18.01 -21.72 12.12
CA TYR A 78 19.13 -22.43 12.73
C TYR A 78 19.33 -23.75 12.01
N ASP A 79 18.27 -24.55 11.97
CA ASP A 79 18.33 -25.89 11.42
C ASP A 79 18.66 -25.92 9.93
N THR A 80 18.29 -24.86 9.21
CA THR A 80 18.54 -24.79 7.80
C THR A 80 20.01 -24.46 7.57
N MET A 81 20.57 -23.63 8.44
CA MET A 81 21.99 -23.29 8.43
C MET A 81 22.86 -24.51 8.60
N GLN A 82 22.49 -25.40 9.52
CA GLN A 82 23.24 -26.64 9.69
C GLN A 82 23.03 -27.54 8.49
N PHE A 83 21.76 -27.69 8.12
CA PHE A 83 21.34 -28.63 7.09
C PHE A 83 22.02 -28.47 5.73
N ILE A 84 22.27 -27.24 5.33
CA ILE A 84 22.89 -27.07 4.03
C ILE A 84 24.38 -27.38 4.05
N LYS A 85 24.91 -27.63 2.85
CA LYS A 85 26.34 -27.92 2.66
C LYS A 85 27.22 -26.71 2.95
N PRO A 86 26.94 -25.55 2.30
CA PRO A 86 27.75 -24.36 2.53
C PRO A 86 27.94 -24.07 4.02
N LYS A 87 29.14 -23.62 4.38
CA LYS A 87 29.41 -23.20 5.74
C LYS A 87 28.90 -21.79 5.92
N VAL A 88 28.14 -21.55 6.99
CA VAL A 88 27.55 -20.24 7.20
C VAL A 88 28.26 -19.42 8.28
N SER A 89 28.80 -18.29 7.87
CA SER A 89 29.55 -17.40 8.74
C SER A 89 28.55 -16.40 9.30
N THR A 90 28.65 -16.06 10.58
CA THR A 90 27.76 -15.05 11.14
C THR A 90 28.54 -13.84 11.65
N ILE A 91 28.09 -12.65 11.28
CA ILE A 91 28.68 -11.42 11.78
C ILE A 91 27.66 -10.58 12.53
N CYS A 92 27.87 -10.38 13.82
CA CYS A 92 26.96 -9.57 14.59
C CYS A 92 27.37 -8.10 14.55
N ILE A 93 26.49 -7.27 14.00
CA ILE A 93 26.69 -5.82 13.99
C ILE A 93 25.58 -5.19 14.84
N GLY A 94 25.88 -4.14 15.59
CA GLY A 94 24.82 -3.63 16.46
C GLY A 94 24.51 -4.59 17.59
N MET A 95 23.30 -5.14 17.59
CA MET A 95 22.84 -6.01 18.67
C MET A 95 22.22 -7.34 18.20
N ALA A 96 22.71 -8.46 18.74
CA ALA A 96 22.00 -9.72 18.51
C ALA A 96 21.48 -10.23 19.84
N ALA A 97 20.17 -10.08 20.05
CA ALA A 97 19.60 -10.53 21.31
C ALA A 97 18.76 -11.76 21.11
N SER A 98 18.91 -12.70 22.01
CA SER A 98 17.88 -13.69 22.15
C SER A 98 17.98 -14.68 20.97
N MET A 99 16.90 -14.95 20.25
CA MET A 99 17.04 -15.84 19.10
C MET A 99 18.12 -15.32 18.18
N GLY A 100 18.32 -14.01 18.21
CA GLY A 100 19.38 -13.36 17.47
C GLY A 100 20.76 -13.84 17.89
N ALA A 101 21.02 -13.79 19.20
CA ALA A 101 22.30 -14.27 19.72
C ALA A 101 22.41 -15.75 19.47
N PHE A 102 21.29 -16.41 19.32
CA PHE A 102 21.32 -17.85 19.16
C PHE A 102 21.81 -18.18 17.75
N LEU A 103 21.21 -17.53 16.78
CA LEU A 103 21.65 -17.68 15.41
C LEU A 103 23.12 -17.30 15.25
N LEU A 104 23.61 -16.36 16.06
CA LEU A 104 24.99 -15.89 15.96
C LEU A 104 25.91 -17.00 16.41
N ALA A 105 25.46 -17.71 17.44
CA ALA A 105 26.23 -18.79 18.01
C ALA A 105 26.23 -19.99 17.07
N ALA A 106 25.28 -20.00 16.14
CA ALA A 106 25.10 -21.14 15.22
C ALA A 106 25.92 -21.05 13.93
N GLY A 107 26.72 -20.00 13.78
CA GLY A 107 27.56 -19.89 12.61
C GLY A 107 28.59 -20.99 12.67
N GLU A 108 29.24 -21.28 11.54
CA GLU A 108 30.31 -22.26 11.48
C GLU A 108 31.39 -21.92 12.48
N LYS A 109 31.77 -22.90 13.31
CA LYS A 109 32.80 -22.66 14.32
C LYS A 109 34.08 -22.16 13.67
N GLY A 110 34.57 -21.02 14.15
CA GLY A 110 35.73 -20.34 13.64
C GLY A 110 35.34 -19.16 12.76
N LYS A 111 34.14 -19.26 12.19
CA LYS A 111 33.59 -18.19 11.35
C LYS A 111 32.52 -17.24 11.96
N ARG A 112 32.32 -17.30 13.28
CA ARG A 112 31.39 -16.39 13.96
C ARG A 112 32.05 -15.09 14.47
N TYR A 113 31.61 -13.94 13.96
CA TYR A 113 32.27 -12.67 14.26
C TYR A 113 31.36 -11.63 14.89
N ALA A 114 31.97 -10.60 15.47
CA ALA A 114 31.25 -9.44 15.98
C ALA A 114 32.08 -8.19 15.72
N LEU A 115 31.43 -7.05 15.54
CA LEU A 115 32.14 -5.79 15.44
C LEU A 115 32.40 -5.23 16.84
N PRO A 116 33.42 -4.36 16.98
CA PRO A 116 33.92 -3.98 18.30
C PRO A 116 32.86 -3.47 19.27
N ASN A 117 31.88 -2.75 18.74
CA ASN A 117 30.84 -2.12 19.55
C ASN A 117 29.56 -2.93 19.66
N SER A 118 29.61 -4.17 19.16
CA SER A 118 28.46 -5.05 19.17
C SER A 118 28.04 -5.43 20.57
N GLU A 119 26.80 -5.86 20.68
CA GLU A 119 26.27 -6.38 21.91
C GLU A 119 25.64 -7.73 21.61
N VAL A 120 25.62 -8.59 22.62
CA VAL A 120 24.94 -9.85 22.52
C VAL A 120 24.08 -9.95 23.76
N MET A 121 22.92 -10.59 23.66
CA MET A 121 22.10 -10.78 24.84
C MET A 121 21.48 -12.16 24.84
N ILE A 122 21.57 -12.82 25.98
CA ILE A 122 20.92 -14.12 26.08
C ILE A 122 19.91 -14.06 27.22
N HIS A 123 18.82 -14.79 27.08
CA HIS A 123 17.89 -14.95 28.21
C HIS A 123 17.00 -16.18 28.03
N GLN A 124 16.13 -16.47 28.99
CA GLN A 124 15.22 -17.57 28.78
C GLN A 124 14.04 -17.17 27.89
N PRO A 125 13.35 -18.16 27.32
CA PRO A 125 12.22 -17.93 26.44
C PRO A 125 11.05 -17.24 27.17
N LEU A 126 10.24 -16.51 26.40
CA LEU A 126 9.04 -15.85 26.87
C LEU A 126 7.84 -16.48 26.18
N GLY A 127 6.72 -16.54 26.89
CA GLY A 127 5.50 -17.11 26.35
C GLY A 127 4.30 -16.75 27.18
N GLY A 128 3.23 -17.49 27.00
CA GLY A 128 2.04 -17.29 27.77
C GLY A 128 1.16 -18.50 27.68
N ALA A 129 0.24 -18.59 28.63
CA ALA A 129 -0.83 -19.60 28.60
C ALA A 129 -2.08 -19.03 29.24
N GLN A 130 -3.21 -19.24 28.58
CA GLN A 130 -4.50 -18.80 29.11
C GLN A 130 -5.40 -20.02 29.21
N GLY A 131 -6.43 -19.96 30.05
CA GLY A 131 -7.39 -21.05 30.10
C GLY A 131 -7.31 -22.05 31.25
N GLN A 132 -7.83 -23.24 31.01
CA GLN A 132 -7.91 -24.29 32.04
C GLN A 132 -6.58 -24.71 32.64
N ALA A 133 -6.62 -25.11 33.90
CA ALA A 133 -5.43 -25.64 34.57
C ALA A 133 -4.68 -26.64 33.70
N THR A 134 -5.42 -27.53 33.05
CA THR A 134 -4.83 -28.58 32.24
C THR A 134 -4.02 -28.04 31.05
N GLU A 135 -4.50 -26.94 30.49
CA GLU A 135 -3.87 -26.27 29.38
C GLU A 135 -2.71 -25.38 29.80
N ILE A 136 -2.79 -24.82 30.99
CA ILE A 136 -1.68 -24.03 31.47
C ILE A 136 -0.51 -24.93 31.78
N GLU A 137 -0.83 -26.13 32.27
CA GLU A 137 0.19 -27.13 32.51
C GLU A 137 0.83 -27.57 31.19
N ILE A 138 0.00 -27.77 30.17
CA ILE A 138 0.51 -28.15 28.85
C ILE A 138 1.45 -27.08 28.29
N ALA A 139 1.11 -25.82 28.51
CA ALA A 139 1.92 -24.72 27.99
C ALA A 139 3.22 -24.64 28.75
N ALA A 140 3.13 -24.65 30.08
CA ALA A 140 4.30 -24.71 30.93
C ALA A 140 5.20 -25.87 30.54
N LYS A 141 4.63 -27.07 30.46
CA LYS A 141 5.42 -28.25 30.13
C LYS A 141 6.25 -28.01 28.88
N ARG A 142 5.64 -27.37 27.88
CA ARG A 142 6.31 -27.14 26.61
C ARG A 142 7.33 -26.03 26.65
N ILE A 143 7.06 -24.97 27.41
CA ILE A 143 8.01 -23.87 27.38
C ILE A 143 9.26 -24.26 28.15
N LEU A 144 9.11 -25.24 29.04
CA LEU A 144 10.26 -25.77 29.78
C LEU A 144 11.08 -26.76 28.94
N LEU A 145 10.42 -27.57 28.10
CA LEU A 145 11.17 -28.41 27.17
C LEU A 145 11.92 -27.53 26.20
N LEU A 146 11.32 -26.40 25.85
CA LEU A 146 11.91 -25.46 24.91
C LEU A 146 13.11 -24.77 25.52
N ARG A 147 12.97 -24.31 26.77
CA ARG A 147 14.11 -23.72 27.44
C ARG A 147 15.28 -24.70 27.47
N ASP A 148 14.97 -25.98 27.66
CA ASP A 148 16.00 -27.03 27.71
C ASP A 148 16.70 -27.33 26.36
N LYS A 149 15.91 -27.53 25.31
CA LYS A 149 16.45 -27.76 23.98
C LYS A 149 17.36 -26.61 23.58
N LEU A 150 17.00 -25.39 23.99
CA LEU A 150 17.74 -24.23 23.54
C LEU A 150 19.05 -24.13 24.30
N ASN A 151 18.98 -24.28 25.61
CA ASN A 151 20.19 -24.27 26.44
C ASN A 151 21.21 -25.36 26.07
N LYS A 152 20.74 -26.56 25.75
CA LYS A 152 21.65 -27.62 25.34
C LYS A 152 22.30 -27.34 23.96
N VAL A 153 21.59 -26.64 23.09
CA VAL A 153 22.21 -26.23 21.84
C VAL A 153 23.19 -25.12 22.17
N LEU A 154 22.77 -24.16 22.98
CA LEU A 154 23.67 -23.09 23.37
C LEU A 154 24.93 -23.70 24.00
N ALA A 155 24.74 -24.56 24.99
CA ALA A 155 25.83 -25.22 25.68
C ALA A 155 26.81 -25.86 24.70
N GLU A 156 26.30 -26.70 23.80
CA GLU A 156 27.16 -27.32 22.80
C GLU A 156 27.96 -26.30 22.01
N ARG A 157 27.27 -25.29 21.49
CA ARG A 157 27.91 -24.31 20.61
C ARG A 157 28.95 -23.44 21.33
N THR A 158 28.70 -23.12 22.59
CA THR A 158 29.54 -22.21 23.34
C THR A 158 30.70 -22.86 24.13
N GLY A 159 30.62 -24.17 24.33
CA GLY A 159 31.54 -24.84 25.23
C GLY A 159 31.25 -24.72 26.73
N GLN A 160 30.12 -24.13 27.09
CA GLN A 160 29.71 -23.99 28.50
C GLN A 160 28.90 -25.19 28.96
N PRO A 161 29.08 -25.60 30.22
CA PRO A 161 28.24 -26.65 30.75
C PRO A 161 26.79 -26.18 30.82
N LEU A 162 25.84 -27.06 30.55
CA LEU A 162 24.43 -26.70 30.63
C LEU A 162 24.10 -25.86 31.86
N GLU A 163 24.34 -26.39 33.04
CA GLU A 163 23.91 -25.71 34.26
C GLU A 163 24.48 -24.31 34.41
N VAL A 164 25.50 -23.96 33.63
CA VAL A 164 25.98 -22.57 33.65
C VAL A 164 25.15 -21.69 32.73
N ILE A 165 24.70 -22.26 31.62
CA ILE A 165 23.83 -21.55 30.70
C ILE A 165 22.53 -21.21 31.40
N GLU A 166 21.95 -22.19 32.08
CA GLU A 166 20.73 -22.00 32.87
C GLU A 166 20.82 -20.80 33.79
N ARG A 167 21.80 -20.83 34.70
CA ARG A 167 22.06 -19.71 35.60
C ARG A 167 22.19 -18.38 34.85
N ASP A 168 22.93 -18.40 33.73
CA ASP A 168 23.30 -17.19 33.01
C ASP A 168 22.19 -16.62 32.12
N THR A 169 21.24 -17.46 31.72
CA THR A 169 20.08 -16.98 30.99
C THR A 169 18.86 -16.71 31.88
N ASP A 170 19.03 -16.79 33.19
CA ASP A 170 17.88 -16.60 34.08
C ASP A 170 17.18 -15.25 33.89
N ARG A 171 17.97 -14.17 33.80
CA ARG A 171 17.41 -12.87 33.50
C ARG A 171 18.25 -12.25 32.40
N ASP A 172 17.78 -11.19 31.76
CA ASP A 172 18.48 -10.63 30.59
C ASP A 172 19.97 -10.48 30.87
N ASN A 173 20.79 -11.01 29.99
CA ASN A 173 22.21 -11.05 30.25
C ASN A 173 22.92 -10.43 29.05
N PHE A 174 23.45 -9.23 29.26
CA PHE A 174 23.99 -8.42 28.17
C PHE A 174 25.51 -8.51 28.17
N LYS A 175 26.08 -8.77 26.99
CA LYS A 175 27.52 -8.94 26.87
C LYS A 175 28.09 -8.05 25.77
N SER A 176 29.23 -7.45 26.06
CA SER A 176 30.01 -6.75 25.05
C SER A 176 30.63 -7.76 24.10
N ALA A 177 31.34 -7.30 23.09
CA ALA A 177 31.96 -8.23 22.15
C ALA A 177 33.05 -9.05 22.84
N GLU A 178 33.84 -8.38 23.68
CA GLU A 178 34.87 -9.06 24.46
C GLU A 178 34.24 -10.16 25.30
N GLU A 179 33.22 -9.77 26.07
CA GLU A 179 32.48 -10.69 26.94
C GLU A 179 31.88 -11.88 26.19
N ALA A 180 31.35 -11.64 24.99
CA ALA A 180 30.79 -12.73 24.19
C ALA A 180 31.89 -13.64 23.68
N LEU A 181 33.08 -13.07 23.47
CA LEU A 181 34.23 -13.85 23.00
C LEU A 181 34.67 -14.75 24.14
N GLU A 182 34.93 -14.16 25.31
CA GLU A 182 35.30 -14.95 26.47
C GLU A 182 34.27 -16.06 26.75
N TYR A 183 33.00 -15.77 26.46
CA TYR A 183 31.92 -16.69 26.77
C TYR A 183 31.79 -17.77 25.72
N GLY A 184 32.24 -17.51 24.50
CA GLY A 184 32.17 -18.52 23.47
C GLY A 184 31.01 -18.40 22.48
N LEU A 185 30.42 -17.20 22.42
CA LEU A 185 29.36 -16.91 21.44
C LEU A 185 29.95 -16.54 20.06
N ILE A 186 31.04 -15.78 20.07
CA ILE A 186 31.78 -15.49 18.83
C ILE A 186 33.23 -15.93 18.89
N ASP A 187 33.80 -16.21 17.72
CA ASP A 187 35.20 -16.61 17.56
C ASP A 187 36.25 -15.46 17.49
N LYS A 188 35.86 -14.33 16.90
CA LYS A 188 36.81 -13.25 16.71
C LYS A 188 36.09 -11.92 16.63
N ILE A 189 36.73 -10.85 17.13
CA ILE A 189 36.21 -9.50 16.91
C ILE A 189 36.93 -8.90 15.71
N LEU A 190 36.18 -8.26 14.81
CA LEU A 190 36.72 -7.73 13.57
C LEU A 190 37.11 -6.26 13.67
N THR A 191 38.16 -5.88 12.95
CA THR A 191 38.55 -4.47 12.87
C THR A 191 39.28 -4.17 11.55
N ILE B 4 -0.23 10.48 -10.44
CA ILE B 4 1.16 10.44 -10.91
C ILE B 4 1.28 9.89 -12.34
N PRO B 5 0.88 10.70 -13.35
CA PRO B 5 0.87 10.28 -14.76
C PRO B 5 2.26 9.91 -15.30
N THR B 6 2.31 9.07 -16.34
CA THR B 6 3.59 8.61 -16.91
C THR B 6 3.91 9.14 -18.35
N VAL B 7 5.19 9.35 -18.66
CA VAL B 7 5.60 9.88 -19.95
C VAL B 7 6.64 8.96 -20.61
N ILE B 8 6.26 8.31 -21.73
CA ILE B 8 7.09 7.28 -22.38
C ILE B 8 7.69 7.72 -23.71
N ALA B 17 10.26 5.83 -20.25
CA ALA B 17 9.32 5.79 -19.11
C ALA B 17 9.64 6.78 -17.94
N TYR B 18 8.68 7.65 -17.61
CA TYR B 18 8.87 8.65 -16.58
C TYR B 18 7.57 8.97 -15.82
N ASP B 19 7.66 9.24 -14.52
CA ASP B 19 6.54 9.92 -13.91
C ASP B 19 6.69 11.39 -14.31
N ILE B 20 5.62 12.17 -14.28
CA ILE B 20 5.67 13.55 -14.75
C ILE B 20 6.74 14.41 -14.07
N TYR B 21 7.06 14.13 -12.81
CA TYR B 21 8.01 14.94 -12.06
C TYR B 21 9.43 14.65 -12.46
N SER B 22 9.72 13.38 -12.73
CA SER B 22 11.06 13.04 -13.18
C SER B 22 11.25 13.50 -14.62
N ARG B 23 10.16 13.69 -15.34
CA ARG B 23 10.26 14.25 -16.67
C ARG B 23 10.58 15.73 -16.58
N LEU B 24 9.91 16.42 -15.68
CA LEU B 24 10.26 17.80 -15.37
C LEU B 24 11.70 17.88 -14.81
N LEU B 25 12.14 16.85 -14.10
CA LEU B 25 13.47 16.84 -13.50
C LEU B 25 14.52 16.87 -14.59
N LYS B 26 14.21 16.20 -15.70
CA LYS B 26 15.12 16.05 -16.83
C LYS B 26 15.40 17.40 -17.49
N ASP B 27 14.44 18.31 -17.35
CA ASP B 27 14.52 19.69 -17.83
C ASP B 27 15.00 20.65 -16.72
N ARG B 28 15.51 20.06 -15.64
CA ARG B 28 16.09 20.80 -14.51
C ARG B 28 15.07 21.57 -13.69
N ILE B 29 13.87 21.01 -13.59
CA ILE B 29 12.79 21.63 -12.83
C ILE B 29 12.41 20.77 -11.61
N ILE B 30 12.46 21.39 -10.44
CA ILE B 30 12.06 20.72 -9.20
C ILE B 30 10.74 21.26 -8.68
N MET B 31 9.79 20.36 -8.41
CA MET B 31 8.47 20.75 -7.91
C MET B 31 8.31 20.54 -6.41
N LEU B 32 8.21 21.62 -5.64
CA LEU B 32 7.86 21.48 -4.23
C LEU B 32 6.39 21.84 -3.97
N GLY B 33 5.56 20.82 -3.78
CA GLY B 33 4.12 20.94 -3.66
C GLY B 33 3.50 20.59 -2.32
N SER B 34 4.30 20.50 -1.27
CA SER B 34 3.77 19.96 -0.03
C SER B 34 4.46 20.59 1.15
N ALA B 35 4.02 20.20 2.34
CA ALA B 35 4.69 20.65 3.55
C ALA B 35 6.10 20.13 3.53
N ILE B 36 7.04 20.88 4.12
CA ILE B 36 8.44 20.50 4.17
C ILE B 36 8.74 19.74 5.46
N ASP B 37 8.97 18.44 5.34
CA ASP B 37 9.42 17.64 6.46
C ASP B 37 10.68 16.94 6.00
N ASP B 38 11.21 16.07 6.86
CA ASP B 38 12.51 15.43 6.63
C ASP B 38 12.55 14.56 5.37
N ASN B 39 11.39 14.06 4.93
CA ASN B 39 11.32 13.32 3.67
C ASN B 39 11.43 14.23 2.46
N VAL B 40 10.62 15.28 2.43
CA VAL B 40 10.65 16.21 1.32
C VAL B 40 12.03 16.83 1.21
N ALA B 41 12.59 17.25 2.34
CA ALA B 41 13.93 17.81 2.35
C ALA B 41 14.95 16.85 1.73
N ASN B 42 14.75 15.56 1.93
CA ASN B 42 15.77 14.62 1.52
C ASN B 42 15.68 14.40 0.03
N SER B 43 14.45 14.28 -0.45
CA SER B 43 14.20 14.16 -1.88
C SER B 43 14.76 15.35 -2.64
N ILE B 44 14.49 16.56 -2.12
CA ILE B 44 14.91 17.81 -2.76
C ILE B 44 16.42 18.11 -2.72
N VAL B 45 17.05 17.93 -1.57
CA VAL B 45 18.50 18.01 -1.48
C VAL B 45 19.12 17.04 -2.51
N SER B 46 18.49 15.88 -2.66
CA SER B 46 18.98 14.86 -3.56
C SER B 46 18.77 15.22 -5.02
N GLN B 47 17.60 15.76 -5.35
CA GLN B 47 17.40 16.26 -6.71
C GLN B 47 18.44 17.35 -6.98
N LEU B 48 18.59 18.28 -6.04
CA LEU B 48 19.59 19.32 -6.19
C LEU B 48 21.02 18.81 -6.43
N LEU B 49 21.50 17.88 -5.61
CA LEU B 49 22.84 17.32 -5.79
C LEU B 49 22.99 16.64 -7.15
N PHE B 50 21.93 15.95 -7.58
CA PHE B 50 21.97 15.25 -8.84
C PHE B 50 22.07 16.22 -10.02
N LEU B 51 21.28 17.28 -9.98
CA LEU B 51 21.31 18.22 -11.09
C LEU B 51 22.67 18.90 -11.22
N ALA B 52 23.27 19.25 -10.08
CA ALA B 52 24.55 19.94 -10.05
C ALA B 52 25.68 19.05 -10.55
N ALA B 53 25.51 17.76 -10.40
CA ALA B 53 26.51 16.80 -10.81
C ALA B 53 26.39 16.62 -12.31
N GLU B 54 25.16 16.78 -12.82
CA GLU B 54 24.90 16.64 -14.25
C GLU B 54 25.46 17.80 -15.04
N ASP B 55 25.11 19.02 -14.64
CA ASP B 55 25.62 20.22 -15.29
C ASP B 55 25.86 21.33 -14.29
N PRO B 56 27.05 21.37 -13.68
CA PRO B 56 27.28 22.42 -12.69
C PRO B 56 27.01 23.83 -13.25
N GLU B 57 27.00 23.96 -14.58
CA GLU B 57 26.83 25.26 -15.23
C GLU B 57 25.37 25.74 -15.45
N LYS B 58 24.47 24.83 -15.81
CA LYS B 58 23.08 25.19 -16.11
C LYS B 58 22.24 25.52 -14.86
N GLU B 59 21.36 26.51 -14.97
CA GLU B 59 20.52 26.87 -13.83
C GLU B 59 19.35 25.92 -13.57
N ILE B 60 18.83 25.99 -12.36
CA ILE B 60 17.77 25.11 -11.88
C ILE B 60 16.50 25.91 -11.55
N SER B 61 15.34 25.30 -11.75
CA SER B 61 14.08 25.96 -11.47
C SER B 61 13.33 25.21 -10.36
N LEU B 62 13.02 25.91 -9.29
CA LEU B 62 12.31 25.32 -8.16
C LEU B 62 10.93 25.96 -7.99
N TYR B 63 9.87 25.23 -8.32
CA TYR B 63 8.52 25.76 -8.11
C TYR B 63 8.09 25.54 -6.69
N ILE B 64 7.70 26.60 -6.02
CA ILE B 64 7.33 26.46 -4.63
C ILE B 64 5.87 26.73 -4.41
N ASN B 65 5.16 25.70 -3.94
CA ASN B 65 3.81 25.82 -3.40
C ASN B 65 3.75 24.99 -2.15
N SER B 66 3.54 25.61 -1.01
CA SER B 66 3.83 24.92 0.24
C SER B 66 3.42 25.76 1.44
N PRO B 67 2.78 25.11 2.42
CA PRO B 67 2.40 25.66 3.74
C PRO B 67 3.60 25.87 4.67
N GLY B 68 4.77 25.32 4.34
CA GLY B 68 5.90 25.36 5.25
C GLY B 68 6.22 24.06 5.96
N GLY B 69 6.88 24.14 7.11
CA GLY B 69 7.24 22.93 7.84
C GLY B 69 8.46 23.04 8.74
N SER B 70 9.11 21.90 8.96
CA SER B 70 10.31 21.83 9.79
C SER B 70 11.34 22.90 9.42
N ILE B 71 11.82 23.61 10.44
CA ILE B 71 12.84 24.62 10.26
C ILE B 71 14.13 23.96 9.78
N THR B 72 14.51 22.84 10.42
CA THR B 72 15.78 22.19 10.07
C THR B 72 15.74 21.64 8.63
N ALA B 73 14.68 20.90 8.30
CA ALA B 73 14.47 20.43 6.94
C ALA B 73 14.57 21.63 6.01
N GLY B 74 13.95 22.73 6.41
CA GLY B 74 14.00 23.94 5.63
C GLY B 74 15.41 24.39 5.37
N MET B 75 16.25 24.41 6.41
CA MET B 75 17.62 24.89 6.26
C MET B 75 18.48 23.95 5.43
N ALA B 76 18.14 22.67 5.44
CA ALA B 76 18.90 21.72 4.64
C ALA B 76 18.73 22.08 3.18
N ILE B 77 17.50 22.42 2.82
CA ILE B 77 17.19 22.78 1.44
C ILE B 77 17.83 24.13 1.13
N TYR B 78 17.64 25.09 2.05
CA TYR B 78 18.23 26.39 1.88
C TYR B 78 19.72 26.23 1.58
N ASP B 79 20.39 25.46 2.43
CA ASP B 79 21.84 25.43 2.44
C ASP B 79 22.47 24.72 1.23
N THR B 80 21.77 23.74 0.70
CA THR B 80 22.21 23.05 -0.50
C THR B 80 22.01 23.95 -1.73
N MET B 81 20.99 24.82 -1.67
CA MET B 81 20.72 25.76 -2.74
C MET B 81 21.92 26.66 -2.96
N GLN B 82 22.43 27.21 -1.86
CA GLN B 82 23.57 28.12 -1.89
C GLN B 82 24.86 27.39 -2.22
N PHE B 83 24.99 26.19 -1.69
CA PHE B 83 26.23 25.44 -1.71
C PHE B 83 26.58 24.87 -3.08
N ILE B 84 25.58 24.49 -3.85
CA ILE B 84 25.83 24.01 -5.20
C ILE B 84 26.17 25.13 -6.18
N LYS B 85 26.81 24.74 -7.28
CA LYS B 85 27.26 25.68 -8.31
C LYS B 85 26.11 26.40 -9.02
N PRO B 86 25.19 25.63 -9.63
CA PRO B 86 24.10 26.26 -10.37
C PRO B 86 23.39 27.33 -9.56
N LYS B 87 23.01 28.43 -10.21
CA LYS B 87 22.12 29.41 -9.62
C LYS B 87 20.73 28.82 -9.65
N VAL B 88 20.02 28.91 -8.53
CA VAL B 88 18.71 28.30 -8.46
C VAL B 88 17.64 29.36 -8.55
N SER B 89 16.77 29.23 -9.52
CA SER B 89 15.67 30.16 -9.65
C SER B 89 14.48 29.64 -8.85
N THR B 90 13.78 30.53 -8.17
CA THR B 90 12.57 30.10 -7.48
C THR B 90 11.32 30.80 -8.04
N ILE B 91 10.26 30.04 -8.27
CA ILE B 91 8.98 30.61 -8.68
C ILE B 91 7.90 30.24 -7.67
N CYS B 92 7.31 31.22 -7.01
CA CYS B 92 6.21 30.93 -6.11
C CYS B 92 4.91 30.82 -6.88
N ILE B 93 4.15 29.76 -6.66
CA ILE B 93 2.86 29.60 -7.31
C ILE B 93 1.88 29.23 -6.20
N GLY B 94 0.64 29.71 -6.24
CA GLY B 94 -0.18 29.40 -5.09
C GLY B 94 0.26 30.13 -3.83
N MET B 95 0.76 29.39 -2.85
CA MET B 95 1.24 30.00 -1.61
C MET B 95 2.67 29.57 -1.26
N ALA B 96 3.54 30.49 -0.90
CA ALA B 96 4.77 30.09 -0.22
C ALA B 96 4.75 30.64 1.19
N ALA B 97 4.51 29.75 2.16
CA ALA B 97 4.38 30.22 3.51
C ALA B 97 5.50 29.69 4.38
N SER B 98 6.02 30.58 5.19
CA SER B 98 6.82 30.14 6.29
C SER B 98 8.16 29.61 5.73
N MET B 99 8.49 28.34 5.89
CA MET B 99 9.74 27.87 5.29
C MET B 99 9.64 27.91 3.79
N GLY B 100 8.40 27.98 3.30
CA GLY B 100 8.14 28.20 1.90
C GLY B 100 8.67 29.54 1.43
N ALA B 101 8.20 30.62 2.08
CA ALA B 101 8.70 31.97 1.78
C ALA B 101 10.22 32.02 1.90
N PHE B 102 10.76 31.28 2.85
CA PHE B 102 12.18 31.33 3.10
C PHE B 102 12.95 30.76 1.90
N LEU B 103 12.55 29.57 1.45
CA LEU B 103 13.14 28.97 0.25
C LEU B 103 13.01 29.90 -0.95
N LEU B 104 11.83 30.50 -1.08
CA LEU B 104 11.53 31.44 -2.15
C LEU B 104 12.53 32.59 -2.17
N ALA B 105 12.70 33.23 -1.02
CA ALA B 105 13.60 34.35 -0.87
C ALA B 105 15.05 33.87 -0.96
N ALA B 106 15.24 32.55 -1.05
CA ALA B 106 16.58 32.00 -1.15
C ALA B 106 17.03 31.77 -2.62
N GLY B 107 16.19 32.15 -3.57
CA GLY B 107 16.59 32.05 -4.96
C GLY B 107 17.69 33.06 -5.21
N GLU B 108 18.52 32.79 -6.21
CA GLU B 108 19.55 33.72 -6.66
C GLU B 108 18.92 35.08 -6.90
N LYS B 109 19.55 36.14 -6.39
CA LYS B 109 19.02 37.50 -6.59
C LYS B 109 18.77 37.82 -8.07
N GLY B 110 17.59 38.36 -8.36
CA GLY B 110 17.20 38.67 -9.72
C GLY B 110 16.45 37.52 -10.38
N LYS B 111 16.69 36.31 -9.88
CA LYS B 111 16.00 35.13 -10.36
C LYS B 111 14.80 34.62 -9.50
N ARG B 112 14.38 35.38 -8.49
CA ARG B 112 13.23 34.99 -7.65
C ARG B 112 11.88 35.56 -8.13
N TYR B 113 10.96 34.67 -8.50
CA TYR B 113 9.71 35.05 -9.17
C TYR B 113 8.43 34.68 -8.39
N ALA B 114 7.32 35.36 -8.69
CA ALA B 114 6.01 34.86 -8.30
C ALA B 114 5.05 35.05 -9.45
N LEU B 115 3.96 34.29 -9.46
CA LEU B 115 2.87 34.56 -10.40
C LEU B 115 1.86 35.53 -9.77
N PRO B 116 1.08 36.21 -10.60
CA PRO B 116 0.21 37.30 -10.17
C PRO B 116 -0.62 37.01 -8.94
N ASN B 117 -1.18 35.81 -8.84
CA ASN B 117 -2.09 35.52 -7.74
C ASN B 117 -1.48 34.85 -6.52
N SER B 118 -0.16 34.74 -6.49
CA SER B 118 0.57 34.11 -5.38
C SER B 118 0.40 34.85 -4.08
N GLU B 119 0.60 34.11 -3.00
CA GLU B 119 0.65 34.67 -1.65
C GLU B 119 1.98 34.29 -1.06
N VAL B 120 2.42 35.06 -0.08
CA VAL B 120 3.62 34.73 0.66
C VAL B 120 3.32 35.03 2.10
N MET B 121 3.63 34.12 2.99
CA MET B 121 3.47 34.44 4.40
C MET B 121 4.77 34.21 5.18
N ILE B 122 5.03 35.10 6.14
CA ILE B 122 6.20 34.94 6.98
C ILE B 122 5.73 35.08 8.41
N HIS B 123 6.30 34.29 9.30
CA HIS B 123 5.98 34.42 10.73
C HIS B 123 7.12 33.94 11.62
N GLN B 124 6.96 34.02 12.94
CA GLN B 124 7.98 33.45 13.82
C GLN B 124 7.79 31.94 13.95
N PRO B 125 8.87 31.21 14.28
CA PRO B 125 8.91 29.75 14.36
C PRO B 125 8.02 29.20 15.47
N LEU B 126 7.44 28.03 15.24
CA LEU B 126 6.58 27.37 16.21
C LEU B 126 7.29 26.18 16.81
N GLY B 127 7.01 25.92 18.08
CA GLY B 127 7.65 24.80 18.75
C GLY B 127 6.97 24.43 20.04
N GLY B 128 7.63 23.62 20.83
CA GLY B 128 7.07 23.18 22.09
C GLY B 128 8.14 22.71 23.03
N ALA B 129 7.82 22.75 24.31
CA ALA B 129 8.71 22.26 25.35
C ALA B 129 7.87 21.63 26.45
N GLN B 130 8.28 20.46 26.90
CA GLN B 130 7.57 19.77 27.96
C GLN B 130 8.60 19.12 28.89
N GLY B 131 8.52 19.38 30.17
CA GLY B 131 9.49 18.80 31.07
C GLY B 131 9.82 19.69 32.23
N GLN B 132 11.00 19.43 32.80
CA GLN B 132 11.53 20.25 33.91
C GLN B 132 11.76 21.68 33.46
N ALA B 133 11.72 22.62 34.39
CA ALA B 133 12.02 23.99 34.09
C ALA B 133 13.31 24.12 33.28
N THR B 134 14.31 23.32 33.66
CA THR B 134 15.61 23.36 32.99
C THR B 134 15.54 22.96 31.51
N GLU B 135 14.67 22.01 31.20
CA GLU B 135 14.54 21.55 29.84
C GLU B 135 13.68 22.52 29.04
N ILE B 136 12.74 23.17 29.72
CA ILE B 136 11.90 24.18 29.08
C ILE B 136 12.75 25.40 28.73
N GLU B 137 13.74 25.68 29.57
CA GLU B 137 14.65 26.80 29.33
C GLU B 137 15.54 26.50 28.12
N ILE B 138 16.05 25.27 28.08
CA ILE B 138 16.92 24.86 26.99
C ILE B 138 16.21 25.02 25.65
N ALA B 139 14.91 24.76 25.63
CA ALA B 139 14.12 24.80 24.42
C ALA B 139 13.73 26.22 24.04
N ALA B 140 13.35 27.03 25.02
CA ALA B 140 13.16 28.44 24.77
C ALA B 140 14.43 29.01 24.16
N LYS B 141 15.57 28.75 24.79
CA LYS B 141 16.83 29.27 24.29
C LYS B 141 17.07 28.87 22.86
N ARG B 142 16.84 27.60 22.56
CA ARG B 142 17.14 27.13 21.21
C ARG B 142 16.22 27.77 20.18
N ILE B 143 14.95 27.91 20.53
CA ILE B 143 13.98 28.41 19.58
C ILE B 143 14.18 29.90 19.35
N LEU B 144 14.54 30.62 20.41
CA LEU B 144 14.87 32.04 20.27
C LEU B 144 16.13 32.27 19.42
N LEU B 145 17.09 31.35 19.48
CA LEU B 145 18.22 31.43 18.57
C LEU B 145 17.79 31.07 17.15
N LEU B 146 16.88 30.11 17.02
CA LEU B 146 16.43 29.74 15.68
C LEU B 146 15.74 30.94 15.07
N ARG B 147 14.89 31.60 15.85
CA ARG B 147 14.18 32.76 15.37
C ARG B 147 15.16 33.85 14.93
N ASP B 148 16.25 33.96 15.64
CA ASP B 148 17.26 34.95 15.33
C ASP B 148 18.08 34.56 14.09
N LYS B 149 18.42 33.29 13.96
CA LYS B 149 19.20 32.84 12.81
C LYS B 149 18.42 33.04 11.53
N LEU B 150 17.09 32.83 11.58
CA LEU B 150 16.27 32.93 10.38
C LEU B 150 16.08 34.38 9.98
N ASN B 151 15.72 35.21 10.95
CA ASN B 151 15.61 36.65 10.73
C ASN B 151 16.85 37.27 10.09
N LYS B 152 18.04 36.89 10.54
CA LYS B 152 19.23 37.44 9.91
C LYS B 152 19.33 36.98 8.48
N VAL B 153 19.02 35.70 8.23
CA VAL B 153 19.07 35.23 6.84
C VAL B 153 18.07 35.97 5.97
N LEU B 154 16.84 36.10 6.46
CA LEU B 154 15.78 36.83 5.77
C LEU B 154 16.15 38.29 5.49
N ALA B 155 16.71 38.95 6.51
CA ALA B 155 17.10 40.35 6.38
C ALA B 155 18.14 40.55 5.27
N GLU B 156 19.21 39.76 5.29
CA GLU B 156 20.20 39.86 4.23
C GLU B 156 19.55 39.63 2.87
N ARG B 157 18.59 38.72 2.79
CA ARG B 157 18.00 38.38 1.50
C ARG B 157 16.92 39.34 0.96
N THR B 158 16.20 40.00 1.86
CA THR B 158 15.18 40.96 1.48
C THR B 158 15.68 42.42 1.43
N GLY B 159 16.86 42.65 1.99
CA GLY B 159 17.35 44.01 2.19
C GLY B 159 16.87 44.74 3.44
N GLN B 160 15.87 44.21 4.14
CA GLN B 160 15.32 44.89 5.33
C GLN B 160 16.22 44.79 6.57
N PRO B 161 16.21 45.81 7.43
CA PRO B 161 16.96 45.75 8.68
C PRO B 161 16.41 44.66 9.59
N LEU B 162 17.28 43.96 10.31
CA LEU B 162 16.85 42.88 11.16
C LEU B 162 15.65 43.23 12.02
N GLU B 163 15.62 44.43 12.58
CA GLU B 163 14.60 44.77 13.56
C GLU B 163 13.23 44.99 12.93
N VAL B 164 13.22 45.15 11.61
CA VAL B 164 11.97 45.23 10.87
C VAL B 164 11.39 43.83 10.62
N ILE B 165 12.25 42.93 10.18
CA ILE B 165 11.89 41.52 10.05
C ILE B 165 11.31 40.98 11.35
N GLU B 166 11.97 41.28 12.47
CA GLU B 166 11.47 40.87 13.80
C GLU B 166 10.03 41.30 14.08
N ARG B 167 9.75 42.58 13.87
CA ARG B 167 8.44 43.13 14.13
C ARG B 167 7.42 42.60 13.13
N ASP B 168 7.83 42.48 11.87
CA ASP B 168 6.91 42.08 10.79
C ASP B 168 6.52 40.60 10.83
N THR B 169 7.36 39.77 11.43
CA THR B 169 7.07 38.36 11.61
C THR B 169 6.45 38.04 12.96
N ASP B 170 6.08 39.04 13.73
CA ASP B 170 5.54 38.76 15.05
C ASP B 170 4.31 37.88 15.00
N ARG B 171 3.40 38.15 14.07
CA ARG B 171 2.19 37.35 13.94
C ARG B 171 2.03 37.06 12.47
N ASP B 172 1.16 36.11 12.08
CA ASP B 172 1.11 35.72 10.66
C ASP B 172 0.98 36.95 9.77
N ASN B 173 1.89 37.05 8.80
CA ASN B 173 1.98 38.21 7.93
C ASN B 173 1.84 37.78 6.47
N PHE B 174 0.71 38.11 5.86
CA PHE B 174 0.37 37.63 4.54
C PHE B 174 0.56 38.74 3.53
N LYS B 175 1.21 38.40 2.41
CA LYS B 175 1.57 39.36 1.40
C LYS B 175 1.12 38.95 0.00
N SER B 176 0.63 39.92 -0.77
CA SER B 176 0.32 39.69 -2.18
C SER B 176 1.64 39.63 -2.91
N ALA B 177 1.60 39.36 -4.21
CA ALA B 177 2.85 39.28 -4.97
C ALA B 177 3.51 40.64 -5.09
N GLU B 178 2.70 41.68 -5.20
CA GLU B 178 3.21 43.05 -5.21
C GLU B 178 3.92 43.34 -3.92
N GLU B 179 3.22 43.09 -2.81
CA GLU B 179 3.73 43.32 -1.46
C GLU B 179 5.04 42.58 -1.25
N ALA B 180 5.10 41.32 -1.67
CA ALA B 180 6.33 40.56 -1.57
C ALA B 180 7.42 41.15 -2.49
N LEU B 181 7.00 41.76 -3.60
CA LEU B 181 7.96 42.42 -4.47
C LEU B 181 8.53 43.63 -3.77
N GLU B 182 7.62 44.43 -3.20
CA GLU B 182 8.00 45.61 -2.44
C GLU B 182 8.81 45.27 -1.21
N TYR B 183 8.48 44.17 -0.55
CA TYR B 183 9.24 43.77 0.62
C TYR B 183 10.64 43.34 0.27
N GLY B 184 10.87 42.91 -0.97
CA GLY B 184 12.17 42.40 -1.36
C GLY B 184 12.34 40.88 -1.28
N LEU B 185 11.23 40.15 -1.10
CA LEU B 185 11.28 38.68 -1.07
C LEU B 185 11.40 38.09 -2.46
N ILE B 186 10.78 38.76 -3.43
CA ILE B 186 10.95 38.40 -4.84
C ILE B 186 11.43 39.56 -5.71
N ASP B 187 12.03 39.21 -6.84
CA ASP B 187 12.45 40.19 -7.84
C ASP B 187 11.44 40.61 -8.92
N LYS B 188 10.62 39.67 -9.38
CA LYS B 188 9.80 39.93 -10.55
C LYS B 188 8.49 39.21 -10.42
N ILE B 189 7.40 39.84 -10.86
CA ILE B 189 6.13 39.12 -11.01
C ILE B 189 5.96 38.71 -12.46
N LEU B 190 5.84 37.41 -12.70
CA LEU B 190 5.69 36.84 -14.05
C LEU B 190 4.30 37.01 -14.66
N THR B 191 4.25 37.29 -15.95
CA THR B 191 2.96 37.57 -16.60
C THR B 191 2.97 37.14 -18.07
N ILE C 4 9.58 10.06 -4.41
CA ILE C 4 10.93 9.67 -4.81
C ILE C 4 11.00 9.48 -6.33
N PRO C 5 11.52 10.50 -7.06
CA PRO C 5 11.54 10.58 -8.53
C PRO C 5 12.50 9.61 -9.23
N THR C 6 12.26 9.38 -10.51
CA THR C 6 13.09 8.46 -11.32
C THR C 6 14.11 9.17 -12.28
N VAL C 7 15.25 8.54 -12.50
CA VAL C 7 16.28 9.11 -13.40
C VAL C 7 16.84 8.09 -14.41
N ILE C 8 16.65 8.33 -15.71
CA ILE C 8 17.17 7.41 -16.75
C ILE C 8 18.38 7.99 -17.51
N ALA C 17 17.26 3.35 -15.95
CA ALA C 17 16.19 3.44 -14.95
C ALA C 17 16.75 3.51 -13.51
N TYR C 18 16.28 4.49 -12.74
CA TYR C 18 16.75 4.69 -11.36
C TYR C 18 15.73 5.43 -10.49
N ASP C 19 15.91 5.36 -9.19
CA ASP C 19 15.23 6.27 -8.29
C ASP C 19 16.32 7.22 -7.79
N ILE C 20 15.94 8.44 -7.46
CA ILE C 20 16.94 9.50 -7.24
C ILE C 20 18.06 9.13 -6.24
N TYR C 21 17.69 8.48 -5.14
CA TYR C 21 18.69 8.02 -4.18
C TYR C 21 19.64 6.97 -4.75
N SER C 22 19.13 6.12 -5.64
CA SER C 22 19.95 5.09 -6.29
C SER C 22 20.91 5.69 -7.31
N ARG C 23 20.49 6.77 -7.94
CA ARG C 23 21.36 7.49 -8.85
C ARG C 23 22.53 8.12 -8.08
N LEU C 24 22.26 8.66 -6.90
CA LEU C 24 23.35 9.13 -6.04
C LEU C 24 24.18 7.97 -5.48
N LEU C 25 23.59 6.77 -5.43
CA LEU C 25 24.33 5.63 -4.90
C LEU C 25 25.46 5.28 -5.86
N LYS C 26 25.16 5.38 -7.16
CA LYS C 26 26.16 5.22 -8.21
C LYS C 26 27.38 6.11 -7.99
N ASP C 27 27.16 7.32 -7.49
CA ASP C 27 28.22 8.31 -7.25
C ASP C 27 28.85 8.16 -5.88
N ARG C 28 28.51 7.07 -5.20
CA ARG C 28 29.05 6.78 -3.86
C ARG C 28 28.55 7.77 -2.83
N ILE C 29 27.28 8.15 -2.93
CA ILE C 29 26.65 9.05 -1.98
C ILE C 29 25.48 8.39 -1.25
N ILE C 30 25.58 8.28 0.07
CA ILE C 30 24.49 7.75 0.88
C ILE C 30 23.74 8.91 1.53
N MET C 31 22.41 8.88 1.44
CA MET C 31 21.57 9.89 2.10
C MET C 31 20.92 9.35 3.37
N LEU C 32 21.17 9.99 4.50
CA LEU C 32 20.46 9.64 5.75
C LEU C 32 19.52 10.77 6.13
N GLY C 33 18.23 10.53 5.91
CA GLY C 33 17.23 11.57 6.03
C GLY C 33 16.19 11.41 7.14
N SER C 34 16.41 10.46 8.05
CA SER C 34 15.34 10.05 8.95
C SER C 34 15.86 9.53 10.27
N ALA C 35 14.95 9.38 11.24
CA ALA C 35 15.33 8.77 12.50
C ALA C 35 16.02 7.42 12.24
N ILE C 36 17.03 7.11 13.06
CA ILE C 36 17.81 5.89 12.92
C ILE C 36 17.21 4.73 13.70
N ASP C 37 16.80 3.69 12.98
CA ASP C 37 16.24 2.48 13.59
C ASP C 37 16.87 1.25 12.92
N ASP C 38 16.40 0.06 13.27
CA ASP C 38 16.93 -1.16 12.68
C ASP C 38 16.77 -1.19 11.16
N ASN C 39 15.68 -0.62 10.66
CA ASN C 39 15.47 -0.60 9.22
C ASN C 39 16.43 0.29 8.45
N VAL C 40 16.53 1.55 8.86
CA VAL C 40 17.49 2.47 8.27
C VAL C 40 18.93 1.98 8.43
N ALA C 41 19.27 1.43 9.59
CA ALA C 41 20.62 0.91 9.77
C ALA C 41 20.93 -0.21 8.79
N ASN C 42 19.93 -1.06 8.54
CA ASN C 42 20.16 -2.26 7.75
C ASN C 42 20.38 -1.86 6.31
N SER C 43 19.61 -0.89 5.86
CA SER C 43 19.77 -0.36 4.53
C SER C 43 21.08 0.41 4.36
N ILE C 44 21.49 1.15 5.38
CA ILE C 44 22.72 1.94 5.28
C ILE C 44 23.96 1.04 5.29
N VAL C 45 24.03 0.13 6.27
CA VAL C 45 25.10 -0.84 6.29
C VAL C 45 25.17 -1.58 4.93
N SER C 46 24.01 -1.95 4.40
CA SER C 46 23.98 -2.65 3.11
C SER C 46 24.58 -1.79 2.00
N GLN C 47 24.13 -0.54 1.90
CA GLN C 47 24.76 0.37 0.97
C GLN C 47 26.27 0.41 1.23
N LEU C 48 26.67 0.60 2.48
CA LEU C 48 28.09 0.63 2.78
C LEU C 48 28.89 -0.62 2.31
N LEU C 49 28.40 -1.82 2.58
CA LEU C 49 29.09 -3.07 2.18
C LEU C 49 29.20 -3.19 0.65
N PHE C 50 28.13 -2.77 -0.01
CA PHE C 50 28.07 -2.72 -1.47
C PHE C 50 29.11 -1.77 -2.06
N LEU C 51 29.15 -0.53 -1.59
CA LEU C 51 30.13 0.43 -2.08
C LEU C 51 31.57 -0.04 -1.82
N ALA C 52 31.77 -0.72 -0.70
CA ALA C 52 33.10 -1.21 -0.33
C ALA C 52 33.53 -2.40 -1.19
N ALA C 53 32.56 -3.22 -1.63
CA ALA C 53 32.84 -4.30 -2.56
C ALA C 53 33.06 -3.76 -3.98
N GLU C 54 32.42 -2.62 -4.29
CA GLU C 54 32.51 -2.01 -5.61
C GLU C 54 33.86 -1.42 -5.89
N ASP C 55 34.31 -0.54 -5.00
CA ASP C 55 35.64 0.04 -5.10
C ASP C 55 36.22 0.22 -3.72
N PRO C 56 36.87 -0.82 -3.21
CA PRO C 56 37.42 -0.71 -1.85
C PRO C 56 38.20 0.59 -1.66
N GLU C 57 38.75 1.11 -2.76
CA GLU C 57 39.62 2.30 -2.70
C GLU C 57 38.93 3.67 -2.67
N LYS C 58 37.83 3.84 -3.39
CA LYS C 58 37.23 5.18 -3.53
C LYS C 58 36.39 5.65 -2.32
N GLU C 59 36.42 6.95 -2.07
CA GLU C 59 35.78 7.55 -0.92
C GLU C 59 34.27 7.37 -0.99
N ILE C 60 33.63 7.39 0.19
CA ILE C 60 32.18 7.35 0.30
C ILE C 60 31.69 8.64 0.96
N SER C 61 30.58 9.17 0.46
CA SER C 61 29.98 10.38 1.05
C SER C 61 28.63 10.09 1.74
N LEU C 62 28.56 10.41 3.02
CA LEU C 62 27.33 10.22 3.80
C LEU C 62 26.69 11.55 4.28
N TYR C 63 25.60 11.96 3.63
CA TYR C 63 24.88 13.15 4.08
C TYR C 63 23.95 12.81 5.23
N ILE C 64 23.99 13.60 6.29
CA ILE C 64 23.22 13.31 7.48
C ILE C 64 22.25 14.42 7.82
N ASN C 65 20.96 14.12 7.74
CA ASN C 65 19.97 14.94 8.42
C ASN C 65 19.12 14.01 9.28
N SER C 66 19.36 14.02 10.58
CA SER C 66 18.71 13.05 11.44
C SER C 66 18.52 13.58 12.84
N PRO C 67 17.36 13.28 13.43
CA PRO C 67 16.97 13.45 14.85
C PRO C 67 17.65 12.44 15.78
N GLY C 68 18.31 11.45 15.20
CA GLY C 68 18.86 10.36 15.99
C GLY C 68 18.01 9.11 16.01
N GLY C 69 18.14 8.30 17.07
CA GLY C 69 17.45 7.03 17.12
C GLY C 69 18.10 5.97 18.00
N SER C 70 17.82 4.72 17.69
CA SER C 70 18.29 3.58 18.45
C SER C 70 19.81 3.57 18.60
N ILE C 71 20.28 3.39 19.83
CA ILE C 71 21.71 3.35 20.04
C ILE C 71 22.37 2.20 19.29
N THR C 72 21.76 1.02 19.33
CA THR C 72 22.33 -0.14 18.64
C THR C 72 22.22 -0.08 17.10
N ALA C 73 21.14 0.48 16.57
CA ALA C 73 21.13 0.75 15.14
C ALA C 73 22.31 1.67 14.82
N GLY C 74 22.46 2.75 15.56
CA GLY C 74 23.57 3.66 15.38
C GLY C 74 24.93 2.99 15.39
N MET C 75 25.18 2.11 16.36
CA MET C 75 26.51 1.52 16.46
C MET C 75 26.76 0.63 15.27
N ALA C 76 25.67 0.08 14.72
CA ALA C 76 25.78 -0.82 13.59
C ALA C 76 26.40 -0.03 12.45
N ILE C 77 25.84 1.16 12.21
CA ILE C 77 26.32 2.04 11.16
C ILE C 77 27.76 2.46 11.46
N TYR C 78 27.98 2.93 12.68
CA TYR C 78 29.32 3.31 13.15
C TYR C 78 30.39 2.25 12.89
N ASP C 79 30.13 1.00 13.27
CA ASP C 79 31.10 -0.05 13.12
C ASP C 79 31.33 -0.47 11.67
N THR C 80 30.32 -0.28 10.82
CA THR C 80 30.44 -0.66 9.43
C THR C 80 31.28 0.39 8.69
N MET C 81 31.17 1.64 9.12
CA MET C 81 31.99 2.71 8.56
C MET C 81 33.48 2.51 8.84
N GLN C 82 33.79 2.11 10.08
CA GLN C 82 35.17 1.85 10.46
C GLN C 82 35.67 0.61 9.75
N PHE C 83 34.89 -0.46 9.90
CA PHE C 83 35.19 -1.76 9.32
C PHE C 83 35.54 -1.78 7.82
N ILE C 84 34.90 -0.94 7.02
CA ILE C 84 35.16 -0.92 5.57
C ILE C 84 36.44 -0.15 5.20
N LYS C 85 37.03 -0.56 4.09
CA LYS C 85 38.27 0.05 3.59
C LYS C 85 38.04 1.51 3.15
N PRO C 86 36.99 1.76 2.36
CA PRO C 86 36.75 3.15 1.96
C PRO C 86 36.74 4.14 3.15
N LYS C 87 37.42 5.27 2.98
CA LYS C 87 37.27 6.36 3.91
C LYS C 87 35.86 6.91 3.73
N VAL C 88 35.21 7.22 4.85
CA VAL C 88 33.82 7.69 4.80
C VAL C 88 33.70 9.13 5.28
N SER C 89 33.34 10.02 4.37
CA SER C 89 33.20 11.43 4.67
C SER C 89 31.74 11.69 5.07
N THR C 90 31.53 12.51 6.10
CA THR C 90 30.18 12.83 6.54
C THR C 90 29.91 14.31 6.37
N ILE C 91 28.73 14.63 5.85
CA ILE C 91 28.27 16.01 5.75
C ILE C 91 26.96 16.18 6.52
N CYS C 92 26.98 17.02 7.55
CA CYS C 92 25.74 17.29 8.27
C CYS C 92 24.99 18.39 7.54
N ILE C 93 23.80 18.07 7.06
CA ILE C 93 22.91 19.09 6.52
C ILE C 93 21.60 19.19 7.32
N GLY C 94 21.14 20.39 7.63
CA GLY C 94 20.02 20.51 8.55
C GLY C 94 20.45 20.22 9.98
N MET C 95 19.91 19.15 10.57
CA MET C 95 20.26 18.76 11.94
C MET C 95 20.91 17.38 12.05
N ALA C 96 21.99 17.26 12.80
CA ALA C 96 22.44 15.93 13.20
C ALA C 96 22.33 15.87 14.71
N ALA C 97 21.30 15.19 15.18
CA ALA C 97 21.01 15.15 16.60
C ALA C 97 21.25 13.78 17.15
N SER C 98 21.92 13.75 18.29
CA SER C 98 22.01 12.53 19.07
C SER C 98 22.89 11.46 18.39
N MET C 99 22.35 10.29 18.03
CA MET C 99 23.15 9.31 17.31
C MET C 99 23.55 9.84 15.94
N GLY C 100 22.76 10.79 15.43
CA GLY C 100 23.11 11.51 14.22
C GLY C 100 24.40 12.30 14.41
N ALA C 101 24.49 13.06 15.48
CA ALA C 101 25.71 13.81 15.76
C ALA C 101 26.89 12.87 15.96
N PHE C 102 26.60 11.69 16.51
CA PHE C 102 27.61 10.69 16.78
C PHE C 102 28.17 10.14 15.46
N LEU C 103 27.29 9.89 14.50
CA LEU C 103 27.68 9.44 13.18
C LEU C 103 28.43 10.53 12.40
N LEU C 104 28.07 11.78 12.65
CA LEU C 104 28.80 12.89 12.05
C LEU C 104 30.26 12.76 12.48
N ALA C 105 30.47 12.72 13.78
CA ALA C 105 31.81 12.65 14.35
C ALA C 105 32.62 11.41 13.95
N ALA C 106 31.97 10.42 13.36
CA ALA C 106 32.59 9.13 13.03
C ALA C 106 33.14 9.13 11.61
N GLY C 107 32.94 10.24 10.91
CA GLY C 107 33.49 10.42 9.59
C GLY C 107 35.00 10.52 9.70
N GLU C 108 35.67 10.24 8.58
CA GLU C 108 37.13 10.26 8.49
C GLU C 108 37.67 11.58 9.01
N LYS C 109 38.64 11.52 9.92
CA LYS C 109 39.20 12.76 10.46
C LYS C 109 39.71 13.65 9.33
N GLY C 110 39.28 14.90 9.32
CA GLY C 110 39.63 15.85 8.29
C GLY C 110 38.57 15.94 7.21
N LYS C 111 37.79 14.85 7.09
CA LYS C 111 36.70 14.76 6.12
C LYS C 111 35.24 15.02 6.63
N ARG C 112 35.09 15.47 7.87
CA ARG C 112 33.77 15.74 8.47
C ARG C 112 33.28 17.18 8.28
N TYR C 113 32.16 17.33 7.59
CA TYR C 113 31.67 18.65 7.19
C TYR C 113 30.29 19.02 7.72
N ALA C 114 30.00 20.31 7.71
CA ALA C 114 28.65 20.80 7.94
C ALA C 114 28.43 21.97 6.98
N LEU C 115 27.16 22.25 6.68
CA LEU C 115 26.82 23.47 5.98
C LEU C 115 26.56 24.56 7.02
N PRO C 116 26.64 25.84 6.62
CA PRO C 116 26.68 26.96 7.55
C PRO C 116 25.48 27.07 8.49
N ASN C 117 24.32 26.59 8.05
CA ASN C 117 23.13 26.65 8.89
C ASN C 117 22.82 25.37 9.69
N SER C 118 23.73 24.40 9.65
CA SER C 118 23.54 23.13 10.35
C SER C 118 23.56 23.20 11.88
N GLU C 119 22.78 22.35 12.52
CA GLU C 119 22.83 22.15 13.96
C GLU C 119 23.30 20.74 14.23
N VAL C 120 24.11 20.60 15.26
CA VAL C 120 24.46 19.33 15.84
C VAL C 120 23.95 19.42 17.27
N MET C 121 23.51 18.30 17.82
CA MET C 121 23.10 18.28 19.22
C MET C 121 23.61 17.01 19.87
N ILE C 122 24.13 17.12 21.08
CA ILE C 122 24.54 15.93 21.79
C ILE C 122 23.85 15.86 23.13
N HIS C 123 23.59 14.64 23.60
CA HIS C 123 23.01 14.42 24.92
C HIS C 123 23.25 12.97 25.38
N GLN C 124 22.80 12.65 26.58
CA GLN C 124 22.93 11.27 27.02
C GLN C 124 21.78 10.40 26.47
N PRO C 125 21.94 9.08 26.55
CA PRO C 125 20.95 8.14 26.04
C PRO C 125 19.64 8.16 26.84
N LEU C 126 18.57 7.77 26.18
CA LEU C 126 17.23 7.73 26.73
C LEU C 126 16.84 6.26 26.73
N GLY C 127 16.04 5.86 27.69
CA GLY C 127 15.59 4.48 27.73
C GLY C 127 14.50 4.27 28.75
N GLY C 128 14.14 3.02 28.94
CA GLY C 128 13.07 2.71 29.85
C GLY C 128 13.29 1.36 30.48
N ALA C 129 12.67 1.18 31.63
CA ALA C 129 12.70 -0.07 32.35
C ALA C 129 11.34 -0.26 33.00
N GLN C 130 10.80 -1.47 32.86
CA GLN C 130 9.56 -1.84 33.51
C GLN C 130 9.77 -3.22 34.15
N GLY C 131 9.37 -3.39 35.40
CA GLY C 131 9.52 -4.70 35.98
C GLY C 131 9.81 -4.77 37.46
N GLN C 132 10.41 -5.88 37.85
CA GLN C 132 10.88 -6.04 39.21
C GLN C 132 12.12 -5.21 39.43
N ALA C 133 12.40 -4.88 40.69
CA ALA C 133 13.59 -4.12 41.05
C ALA C 133 14.81 -4.68 40.31
N THR C 134 14.92 -6.00 40.32
CA THR C 134 16.01 -6.69 39.64
C THR C 134 16.10 -6.35 38.17
N GLU C 135 14.95 -6.37 37.49
CA GLU C 135 14.94 -6.16 36.05
C GLU C 135 15.24 -4.72 35.74
N ILE C 136 14.78 -3.81 36.59
CA ILE C 136 15.07 -2.39 36.42
C ILE C 136 16.54 -2.12 36.65
N GLU C 137 17.12 -2.83 37.61
CA GLU C 137 18.56 -2.73 37.89
C GLU C 137 19.38 -3.20 36.69
N ILE C 138 19.00 -4.34 36.13
CA ILE C 138 19.66 -4.85 34.94
C ILE C 138 19.68 -3.77 33.86
N ALA C 139 18.53 -3.13 33.68
CA ALA C 139 18.37 -2.10 32.66
C ALA C 139 19.19 -0.86 32.97
N ALA C 140 19.17 -0.42 34.23
CA ALA C 140 19.97 0.73 34.65
C ALA C 140 21.46 0.52 34.41
N LYS C 141 22.01 -0.59 34.90
CA LYS C 141 23.43 -0.85 34.72
C LYS C 141 23.79 -0.82 33.23
N ARG C 142 22.89 -1.32 32.40
CA ARG C 142 23.20 -1.39 30.99
C ARG C 142 23.18 -0.03 30.29
N ILE C 143 22.26 0.83 30.66
CA ILE C 143 22.15 2.11 29.98
C ILE C 143 23.27 3.02 30.44
N LEU C 144 23.80 2.78 31.64
CA LEU C 144 24.93 3.55 32.10
C LEU C 144 26.22 3.06 31.42
N LEU C 145 26.28 1.78 31.11
CA LEU C 145 27.41 1.24 30.39
C LEU C 145 27.45 1.82 28.98
N LEU C 146 26.28 1.97 28.34
CA LEU C 146 26.22 2.52 26.99
C LEU C 146 26.56 4.00 27.04
N ARG C 147 26.18 4.68 28.11
CA ARG C 147 26.51 6.08 28.24
C ARG C 147 28.03 6.28 28.23
N ASP C 148 28.72 5.43 28.98
CA ASP C 148 30.16 5.50 29.10
C ASP C 148 30.86 5.11 27.79
N LYS C 149 30.43 4.01 27.18
CA LYS C 149 30.93 3.57 25.87
C LYS C 149 30.87 4.70 24.87
N LEU C 150 29.68 5.28 24.71
CA LEU C 150 29.50 6.42 23.81
C LEU C 150 30.38 7.59 24.20
N ASN C 151 30.37 7.95 25.47
CA ASN C 151 31.20 9.06 25.93
C ASN C 151 32.68 8.90 25.55
N LYS C 152 33.22 7.69 25.68
CA LYS C 152 34.60 7.48 25.30
C LYS C 152 34.75 7.61 23.78
N VAL C 153 33.86 6.97 23.03
CA VAL C 153 33.96 7.06 21.58
C VAL C 153 33.87 8.52 21.11
N LEU C 154 32.98 9.29 21.73
CA LEU C 154 32.84 10.71 21.38
C LEU C 154 34.08 11.50 21.78
N ALA C 155 34.65 11.16 22.94
CA ALA C 155 35.80 11.91 23.44
C ALA C 155 37.00 11.67 22.52
N GLU C 156 37.19 10.44 22.06
CA GLU C 156 38.24 10.14 21.11
C GLU C 156 38.07 10.94 19.83
N ARG C 157 36.84 10.97 19.29
CA ARG C 157 36.61 11.55 17.96
C ARG C 157 36.60 13.09 17.94
N THR C 158 36.19 13.71 19.03
CA THR C 158 36.18 15.16 19.12
C THR C 158 37.51 15.72 19.62
N GLY C 159 38.30 14.86 20.27
CA GLY C 159 39.50 15.30 20.98
C GLY C 159 39.23 16.02 22.29
N GLN C 160 38.04 15.85 22.86
CA GLN C 160 37.70 16.43 24.16
C GLN C 160 38.05 15.47 25.29
N PRO C 161 38.41 16.02 26.47
CA PRO C 161 38.68 15.12 27.59
C PRO C 161 37.37 14.53 28.10
N LEU C 162 37.40 13.25 28.48
CA LEU C 162 36.18 12.50 28.79
C LEU C 162 35.26 13.20 29.77
N GLU C 163 35.82 13.95 30.71
CA GLU C 163 34.99 14.54 31.75
C GLU C 163 34.23 15.78 31.29
N VAL C 164 34.65 16.38 30.19
CA VAL C 164 33.92 17.50 29.58
C VAL C 164 32.70 17.00 28.79
N ILE C 165 32.91 15.98 27.97
CA ILE C 165 31.79 15.30 27.31
C ILE C 165 30.73 14.91 28.33
N GLU C 166 31.15 14.48 29.51
CA GLU C 166 30.22 14.09 30.57
C GLU C 166 29.36 15.22 31.13
N ARG C 167 29.92 16.39 31.37
CA ARG C 167 29.08 17.50 31.82
C ARG C 167 28.31 18.08 30.63
N ASP C 168 28.86 17.91 29.43
CA ASP C 168 28.25 18.50 28.22
C ASP C 168 27.07 17.71 27.66
N THR C 169 27.04 16.41 27.94
CA THR C 169 25.96 15.58 27.47
C THR C 169 24.85 15.40 28.51
N ASP C 170 24.95 16.09 29.63
CA ASP C 170 23.99 15.91 30.72
C ASP C 170 22.56 16.32 30.31
N ARG C 171 22.43 17.44 29.63
CA ARG C 171 21.14 17.78 29.07
C ARG C 171 21.29 18.06 27.58
N ASP C 172 20.19 18.32 26.88
CA ASP C 172 20.28 18.57 25.45
C ASP C 172 21.26 19.71 25.20
N ASN C 173 22.24 19.46 24.33
CA ASN C 173 23.26 20.45 23.99
C ASN C 173 23.27 20.74 22.50
N PHE C 174 22.77 21.91 22.15
CA PHE C 174 22.55 22.29 20.76
C PHE C 174 23.64 23.22 20.30
N LYS C 175 24.29 22.88 19.21
CA LYS C 175 25.42 23.64 18.74
C LYS C 175 25.19 24.13 17.33
N SER C 176 25.66 25.35 17.06
CA SER C 176 25.68 25.84 15.69
C SER C 176 26.79 25.14 14.90
N ALA C 177 26.90 25.40 13.60
CA ALA C 177 27.97 24.79 12.82
C ALA C 177 29.35 25.32 13.27
N GLU C 178 29.46 26.62 13.52
CA GLU C 178 30.69 27.19 14.05
C GLU C 178 31.07 26.52 15.38
N GLU C 179 30.09 26.44 16.28
CA GLU C 179 30.26 25.77 17.57
C GLU C 179 30.64 24.28 17.50
N ALA C 180 30.10 23.55 16.52
CA ALA C 180 30.44 22.13 16.39
C ALA C 180 31.87 22.00 15.95
N LEU C 181 32.33 22.99 15.17
CA LEU C 181 33.70 23.00 14.65
C LEU C 181 34.67 23.23 15.79
N GLU C 182 34.29 24.15 16.68
CA GLU C 182 35.08 24.46 17.85
C GLU C 182 35.21 23.25 18.75
N TYR C 183 34.09 22.57 18.96
CA TYR C 183 34.05 21.45 19.88
C TYR C 183 34.80 20.25 19.35
N GLY C 184 35.01 20.22 18.03
CA GLY C 184 35.73 19.11 17.41
C GLY C 184 34.87 18.01 16.83
N LEU C 185 33.57 18.27 16.63
CA LEU C 185 32.67 17.29 16.01
C LEU C 185 32.76 17.26 14.47
N ILE C 186 33.06 18.41 13.88
CA ILE C 186 33.33 18.52 12.44
C ILE C 186 34.65 19.21 12.14
N ASP C 187 35.23 18.88 10.99
CA ASP C 187 36.46 19.48 10.51
C ASP C 187 36.33 20.80 9.75
N LYS C 188 35.24 20.96 9.02
CA LYS C 188 35.07 22.16 8.20
C LYS C 188 33.61 22.56 7.91
N ILE C 189 33.33 23.87 7.92
CA ILE C 189 32.08 24.41 7.39
C ILE C 189 32.27 24.79 5.92
N LEU C 190 31.35 24.37 5.07
CA LEU C 190 31.48 24.51 3.62
C LEU C 190 30.75 25.73 3.04
N THR C 191 30.85 25.91 1.71
CA THR C 191 30.14 26.98 0.98
C THR C 191 29.92 26.68 -0.52
N ILE D 4 11.05 -8.87 0.38
CA ILE D 4 11.03 -10.00 -0.56
C ILE D 4 12.03 -9.75 -1.67
N PRO D 5 13.21 -10.38 -1.58
CA PRO D 5 14.38 -10.08 -2.45
C PRO D 5 14.30 -10.70 -3.85
N THR D 6 14.99 -10.09 -4.80
CA THR D 6 14.91 -10.47 -6.21
C THR D 6 16.22 -11.05 -6.80
N VAL D 7 16.06 -12.06 -7.66
CA VAL D 7 17.18 -12.78 -8.29
C VAL D 7 17.26 -12.41 -9.78
N ILE D 8 18.46 -12.39 -10.36
CA ILE D 8 18.61 -12.12 -11.80
C ILE D 8 18.64 -13.39 -12.67
N ALA D 17 14.87 -11.74 -14.12
CA ALA D 17 14.36 -11.24 -12.84
C ALA D 17 13.33 -12.18 -12.17
N TYR D 18 13.49 -12.42 -10.87
CA TYR D 18 12.57 -13.24 -10.06
C TYR D 18 12.39 -12.66 -8.65
N ASP D 19 11.40 -13.16 -7.92
CA ASP D 19 11.40 -12.98 -6.48
C ASP D 19 11.78 -14.34 -5.89
N ILE D 20 12.46 -14.36 -4.75
CA ILE D 20 13.09 -15.59 -4.27
C ILE D 20 12.19 -16.84 -4.24
N TYR D 21 10.92 -16.69 -3.87
CA TYR D 21 10.00 -17.83 -3.84
C TYR D 21 9.70 -18.27 -5.26
N SER D 22 9.54 -17.30 -6.15
CA SER D 22 9.36 -17.63 -7.56
C SER D 22 10.58 -18.40 -8.06
N ARG D 23 11.76 -17.99 -7.60
CA ARG D 23 12.99 -18.68 -7.96
C ARG D 23 12.97 -20.14 -7.48
N LEU D 24 12.55 -20.37 -6.24
CA LEU D 24 12.46 -21.72 -5.70
C LEU D 24 11.31 -22.52 -6.33
N LEU D 25 10.32 -21.82 -6.86
CA LEU D 25 9.18 -22.49 -7.47
C LEU D 25 9.72 -23.12 -8.74
N LYS D 26 10.63 -22.40 -9.39
CA LYS D 26 11.33 -22.89 -10.57
C LYS D 26 11.97 -24.26 -10.34
N ASP D 27 12.53 -24.48 -9.15
CA ASP D 27 13.16 -25.74 -8.75
C ASP D 27 12.13 -26.67 -8.14
N ARG D 28 10.86 -26.29 -8.26
CA ARG D 28 9.76 -27.12 -7.77
C ARG D 28 9.68 -27.20 -6.24
N ILE D 29 10.03 -26.09 -5.58
CA ILE D 29 9.93 -25.97 -4.14
C ILE D 29 8.86 -24.96 -3.72
N ILE D 30 7.84 -25.43 -3.01
CA ILE D 30 6.81 -24.54 -2.49
C ILE D 30 7.10 -24.19 -1.04
N MET D 31 7.15 -22.91 -0.71
CA MET D 31 7.41 -22.49 0.69
C MET D 31 6.15 -22.03 1.42
N LEU D 32 5.65 -22.83 2.36
CA LEU D 32 4.51 -22.43 3.16
C LEU D 32 4.96 -21.95 4.52
N GLY D 33 4.92 -20.63 4.71
CA GLY D 33 5.46 -19.98 5.90
C GLY D 33 4.50 -19.30 6.84
N SER D 34 3.21 -19.61 6.72
CA SER D 34 2.23 -18.81 7.44
C SER D 34 1.03 -19.63 7.81
N ALA D 35 0.06 -18.99 8.47
CA ALA D 35 -1.19 -19.67 8.79
C ALA D 35 -1.97 -20.01 7.53
N ILE D 36 -2.56 -21.19 7.50
CA ILE D 36 -3.35 -21.60 6.34
C ILE D 36 -4.77 -21.01 6.33
N ASP D 37 -5.04 -20.19 5.32
CA ASP D 37 -6.32 -19.53 5.16
C ASP D 37 -6.66 -19.52 3.67
N ASP D 38 -7.88 -19.14 3.33
CA ASP D 38 -8.33 -19.21 1.95
C ASP D 38 -7.27 -18.65 0.98
N ASN D 39 -6.66 -17.51 1.32
CA ASN D 39 -5.66 -16.91 0.46
C ASN D 39 -4.47 -17.83 0.26
N VAL D 40 -3.88 -18.28 1.35
CA VAL D 40 -2.72 -19.16 1.29
C VAL D 40 -3.01 -20.43 0.52
N ALA D 41 -4.14 -21.06 0.77
CA ALA D 41 -4.51 -22.25 0.02
C ALA D 41 -4.68 -21.99 -1.49
N ASN D 42 -5.31 -20.88 -1.87
CA ASN D 42 -5.47 -20.58 -3.28
C ASN D 42 -4.13 -20.56 -4.01
N SER D 43 -3.16 -19.84 -3.45
CA SER D 43 -1.84 -19.74 -4.04
C SER D 43 -1.09 -21.07 -4.02
N ILE D 44 -1.30 -21.87 -2.97
CA ILE D 44 -0.65 -23.18 -2.92
C ILE D 44 -1.24 -24.17 -3.93
N VAL D 45 -2.56 -24.38 -3.89
CA VAL D 45 -3.26 -25.19 -4.88
C VAL D 45 -2.87 -24.77 -6.30
N SER D 46 -2.81 -23.46 -6.53
CA SER D 46 -2.43 -22.92 -7.83
C SER D 46 -0.98 -23.22 -8.17
N GLN D 47 -0.14 -23.35 -7.14
CA GLN D 47 1.27 -23.71 -7.36
C GLN D 47 1.41 -25.20 -7.61
N LEU D 48 0.63 -26.01 -6.90
CA LEU D 48 0.62 -27.44 -7.17
C LEU D 48 0.08 -27.73 -8.57
N LEU D 49 -1.06 -27.14 -8.91
CA LEU D 49 -1.62 -27.31 -10.24
C LEU D 49 -0.58 -26.97 -11.31
N PHE D 50 0.06 -25.83 -11.17
CA PHE D 50 1.06 -25.37 -12.15
C PHE D 50 2.21 -26.35 -12.33
N LEU D 51 2.85 -26.74 -11.24
CA LEU D 51 3.97 -27.68 -11.31
C LEU D 51 3.62 -29.03 -11.95
N ALA D 52 2.42 -29.54 -11.69
CA ALA D 52 1.97 -30.81 -12.27
C ALA D 52 1.70 -30.70 -13.77
N ALA D 53 1.43 -29.48 -14.24
CA ALA D 53 1.27 -29.25 -15.67
C ALA D 53 2.60 -29.05 -16.40
N GLU D 54 3.63 -28.63 -15.67
CA GLU D 54 4.95 -28.49 -16.26
C GLU D 54 5.65 -29.83 -16.39
N ASP D 55 5.70 -30.59 -15.30
CA ASP D 55 6.33 -31.90 -15.33
C ASP D 55 5.57 -32.94 -14.51
N PRO D 56 4.60 -33.62 -15.13
CA PRO D 56 3.73 -34.55 -14.39
C PRO D 56 4.51 -35.61 -13.64
N GLU D 57 5.81 -35.72 -13.93
CA GLU D 57 6.68 -36.75 -13.34
C GLU D 57 7.53 -36.28 -12.15
N LYS D 58 8.36 -35.27 -12.36
CA LYS D 58 9.24 -34.73 -11.31
C LYS D 58 8.53 -34.37 -9.99
N GLU D 59 9.08 -34.87 -8.87
CA GLU D 59 8.47 -34.70 -7.56
C GLU D 59 8.59 -33.28 -7.02
N ILE D 60 7.57 -32.87 -6.27
CA ILE D 60 7.48 -31.51 -5.75
C ILE D 60 7.82 -31.51 -4.27
N SER D 61 8.56 -30.47 -3.85
CA SER D 61 8.95 -30.29 -2.46
C SER D 61 8.15 -29.17 -1.77
N LEU D 62 7.42 -29.51 -0.73
CA LEU D 62 6.70 -28.52 0.06
C LEU D 62 7.32 -28.31 1.44
N TYR D 63 8.01 -27.17 1.62
CA TYR D 63 8.50 -26.80 2.94
C TYR D 63 7.39 -26.24 3.86
N ILE D 64 7.35 -26.71 5.09
CA ILE D 64 6.25 -26.33 5.97
C ILE D 64 6.68 -25.77 7.31
N ASN D 65 6.44 -24.47 7.52
CA ASN D 65 6.42 -23.92 8.87
C ASN D 65 5.16 -23.11 9.11
N SER D 66 4.21 -23.66 9.86
CA SER D 66 2.94 -22.98 10.05
C SER D 66 2.27 -23.28 11.39
N PRO D 67 1.58 -22.28 11.94
CA PRO D 67 0.76 -22.39 13.15
C PRO D 67 -0.50 -23.22 12.93
N GLY D 68 -0.84 -23.50 11.67
CA GLY D 68 -2.13 -24.09 11.36
C GLY D 68 -3.08 -23.10 10.70
N GLY D 69 -4.36 -23.43 10.65
CA GLY D 69 -5.34 -22.53 10.07
C GLY D 69 -6.67 -23.20 9.75
N SER D 70 -7.38 -22.62 8.80
CA SER D 70 -8.69 -23.10 8.40
C SER D 70 -8.68 -24.59 8.01
N ILE D 71 -9.66 -25.33 8.49
CA ILE D 71 -9.74 -26.73 8.12
C ILE D 71 -10.01 -26.89 6.63
N THR D 72 -10.98 -26.15 6.11
CA THR D 72 -11.33 -26.30 4.70
C THR D 72 -10.23 -25.84 3.74
N ALA D 73 -9.48 -24.81 4.12
CA ALA D 73 -8.35 -24.39 3.27
C ALA D 73 -7.29 -25.49 3.31
N GLY D 74 -7.09 -26.07 4.49
CA GLY D 74 -6.14 -27.14 4.61
C GLY D 74 -6.54 -28.33 3.77
N MET D 75 -7.80 -28.72 3.82
CA MET D 75 -8.23 -29.88 3.04
C MET D 75 -8.11 -29.64 1.54
N ALA D 76 -8.15 -28.39 1.11
CA ALA D 76 -8.05 -28.07 -0.30
C ALA D 76 -6.61 -28.33 -0.78
N ILE D 77 -5.64 -27.98 0.07
CA ILE D 77 -4.23 -28.25 -0.16
C ILE D 77 -3.95 -29.76 -0.07
N TYR D 78 -4.45 -30.39 0.98
CA TYR D 78 -4.33 -31.83 1.13
C TYR D 78 -4.82 -32.54 -0.14
N ASP D 79 -6.04 -32.24 -0.56
CA ASP D 79 -6.64 -32.98 -1.66
C ASP D 79 -5.92 -32.79 -2.99
N THR D 80 -5.29 -31.64 -3.15
CA THR D 80 -4.61 -31.33 -4.37
C THR D 80 -3.28 -32.09 -4.43
N MET D 81 -2.60 -32.15 -3.30
CA MET D 81 -1.40 -32.97 -3.15
C MET D 81 -1.65 -34.40 -3.59
N GLN D 82 -2.83 -34.93 -3.25
CA GLN D 82 -3.22 -36.28 -3.65
C GLN D 82 -3.62 -36.36 -5.12
N PHE D 83 -4.48 -35.44 -5.52
CA PHE D 83 -5.02 -35.37 -6.87
C PHE D 83 -3.95 -35.50 -7.95
N ILE D 84 -2.88 -34.71 -7.82
CA ILE D 84 -1.88 -34.62 -8.86
C ILE D 84 -0.96 -35.84 -8.93
N LYS D 85 -0.35 -35.98 -10.11
CA LYS D 85 0.62 -37.04 -10.41
C LYS D 85 1.88 -36.94 -9.56
N PRO D 86 2.59 -35.79 -9.60
CA PRO D 86 3.86 -35.69 -8.88
C PRO D 86 3.74 -36.12 -7.42
N LYS D 87 4.74 -36.88 -6.94
CA LYS D 87 4.86 -37.17 -5.52
C LYS D 87 5.23 -35.87 -4.83
N VAL D 88 4.49 -35.54 -3.77
CA VAL D 88 4.81 -34.33 -3.03
C VAL D 88 5.56 -34.64 -1.74
N SER D 89 6.76 -34.10 -1.64
CA SER D 89 7.61 -34.30 -0.48
C SER D 89 7.34 -33.18 0.55
N THR D 90 7.17 -33.55 1.81
CA THR D 90 6.97 -32.54 2.85
C THR D 90 8.14 -32.47 3.82
N ILE D 91 8.68 -31.27 4.00
CA ILE D 91 9.75 -31.01 4.95
C ILE D 91 9.25 -30.05 6.03
N CYS D 92 9.17 -30.50 7.27
CA CYS D 92 8.80 -29.61 8.37
C CYS D 92 10.03 -28.94 8.99
N ILE D 93 10.13 -27.63 8.83
CA ILE D 93 11.17 -26.82 9.47
C ILE D 93 10.44 -25.92 10.46
N GLY D 94 11.04 -25.58 11.59
CA GLY D 94 10.27 -24.82 12.55
C GLY D 94 9.15 -25.64 13.18
N MET D 95 7.91 -25.22 12.99
CA MET D 95 6.78 -25.99 13.52
C MET D 95 5.74 -26.31 12.46
N ALA D 96 5.15 -27.50 12.56
CA ALA D 96 3.97 -27.80 11.78
C ALA D 96 2.86 -28.10 12.79
N ALA D 97 1.93 -27.17 12.91
CA ALA D 97 0.92 -27.28 13.95
C ALA D 97 -0.42 -27.46 13.32
N SER D 98 -1.15 -28.44 13.79
CA SER D 98 -2.55 -28.48 13.49
C SER D 98 -2.77 -28.85 11.99
N MET D 99 -3.35 -27.97 11.17
CA MET D 99 -3.49 -28.26 9.74
C MET D 99 -2.14 -28.36 9.07
N GLY D 100 -1.14 -27.72 9.65
CA GLY D 100 0.23 -27.92 9.21
C GLY D 100 0.76 -29.33 9.47
N ALA D 101 0.53 -29.87 10.67
CA ALA D 101 0.94 -31.23 10.97
C ALA D 101 0.20 -32.17 10.04
N PHE D 102 -0.98 -31.75 9.63
CA PHE D 102 -1.85 -32.61 8.86
C PHE D 102 -1.28 -32.74 7.47
N LEU D 103 -0.80 -31.61 6.95
CA LEU D 103 -0.20 -31.55 5.65
C LEU D 103 1.16 -32.25 5.65
N LEU D 104 1.89 -32.12 6.74
CA LEU D 104 3.18 -32.77 6.89
C LEU D 104 2.96 -34.27 6.71
N ALA D 105 1.95 -34.79 7.41
CA ALA D 105 1.63 -36.20 7.35
C ALA D 105 1.04 -36.63 6.00
N ALA D 106 0.72 -35.69 5.13
CA ALA D 106 0.11 -36.01 3.85
C ALA D 106 1.11 -36.10 2.67
N GLY D 107 2.38 -35.88 2.97
CA GLY D 107 3.42 -36.00 1.96
C GLY D 107 3.55 -37.46 1.60
N GLU D 108 4.08 -37.74 0.41
CA GLU D 108 4.27 -39.11 -0.08
C GLU D 108 5.00 -39.91 0.98
N LYS D 109 4.49 -41.08 1.34
CA LYS D 109 5.18 -41.84 2.39
C LYS D 109 6.62 -42.17 1.97
N GLY D 110 7.53 -42.09 2.95
CA GLY D 110 8.96 -42.29 2.73
C GLY D 110 9.65 -40.98 2.39
N LYS D 111 8.88 -40.05 1.85
CA LYS D 111 9.33 -38.69 1.54
C LYS D 111 8.95 -37.58 2.57
N ARG D 112 8.42 -37.97 3.73
CA ARG D 112 8.05 -36.99 4.77
C ARG D 112 9.18 -36.71 5.78
N TYR D 113 9.68 -35.48 5.79
CA TYR D 113 10.92 -35.15 6.51
C TYR D 113 10.76 -34.07 7.60
N ALA D 114 11.72 -34.00 8.53
CA ALA D 114 11.80 -32.86 9.45
C ALA D 114 13.25 -32.64 9.89
N LEU D 115 13.62 -31.40 10.15
CA LEU D 115 14.95 -31.09 10.68
C LEU D 115 15.01 -31.35 12.20
N PRO D 116 16.21 -31.61 12.75
CA PRO D 116 16.35 -32.07 14.15
C PRO D 116 15.57 -31.26 15.19
N ASN D 117 15.46 -29.96 15.00
CA ASN D 117 14.80 -29.12 15.99
C ASN D 117 13.33 -28.81 15.74
N SER D 118 12.74 -29.44 14.73
CA SER D 118 11.33 -29.23 14.40
C SER D 118 10.39 -29.72 15.50
N GLU D 119 9.24 -29.06 15.59
CA GLU D 119 8.18 -29.47 16.48
C GLU D 119 6.97 -29.70 15.59
N VAL D 120 6.21 -30.73 15.90
CA VAL D 120 4.90 -30.94 15.30
C VAL D 120 3.91 -30.88 16.44
N MET D 121 2.69 -30.46 16.14
CA MET D 121 1.64 -30.47 17.16
C MET D 121 0.32 -30.89 16.54
N ILE D 122 -0.37 -31.81 17.18
CA ILE D 122 -1.67 -32.22 16.69
C ILE D 122 -2.69 -31.99 17.80
N HIS D 123 -3.88 -31.55 17.42
CA HIS D 123 -4.96 -31.29 18.37
C HIS D 123 -6.31 -31.33 17.65
N GLN D 124 -7.40 -31.41 18.41
CA GLN D 124 -8.73 -31.39 17.78
C GLN D 124 -9.09 -30.02 17.17
N PRO D 125 -10.10 -30.00 16.30
CA PRO D 125 -10.51 -28.81 15.57
C PRO D 125 -11.19 -27.78 16.45
N LEU D 126 -10.99 -26.52 16.12
CA LEU D 126 -11.55 -25.40 16.86
C LEU D 126 -12.63 -24.73 16.03
N GLY D 127 -13.67 -24.21 16.71
CA GLY D 127 -14.69 -23.47 16.00
C GLY D 127 -15.57 -22.64 16.89
N GLY D 128 -16.66 -22.17 16.31
CA GLY D 128 -17.61 -21.37 17.05
C GLY D 128 -19.01 -21.49 16.50
N ALA D 129 -19.97 -21.23 17.37
CA ALA D 129 -21.38 -21.31 17.01
C ALA D 129 -22.09 -20.20 17.76
N GLN D 130 -23.00 -19.51 17.07
CA GLN D 130 -23.82 -18.48 17.69
C GLN D 130 -25.26 -18.63 17.20
N GLY D 131 -26.21 -18.06 17.94
CA GLY D 131 -27.61 -18.10 17.56
C GLY D 131 -28.54 -19.13 18.19
N GLN D 132 -29.57 -19.49 17.43
CA GLN D 132 -30.57 -20.41 17.93
C GLN D 132 -29.99 -21.78 18.26
N ALA D 133 -30.54 -22.40 19.29
CA ALA D 133 -30.19 -23.77 19.68
C ALA D 133 -30.12 -24.71 18.47
N THR D 134 -31.02 -24.51 17.51
CA THR D 134 -31.01 -25.30 16.29
C THR D 134 -29.73 -25.07 15.45
N GLU D 135 -29.30 -23.82 15.37
CA GLU D 135 -28.11 -23.46 14.61
C GLU D 135 -26.86 -23.87 15.35
N ILE D 136 -26.89 -23.78 16.68
CA ILE D 136 -25.77 -24.23 17.48
C ILE D 136 -25.60 -25.73 17.31
N GLU D 137 -26.72 -26.43 17.25
CA GLU D 137 -26.68 -27.87 17.07
C GLU D 137 -26.12 -28.23 15.69
N ILE D 138 -26.51 -27.46 14.66
CA ILE D 138 -25.96 -27.69 13.33
C ILE D 138 -24.43 -27.59 13.35
N ALA D 139 -23.92 -26.59 14.08
CA ALA D 139 -22.49 -26.38 14.14
C ALA D 139 -21.80 -27.48 14.94
N ALA D 140 -22.43 -27.93 16.02
CA ALA D 140 -21.85 -29.01 16.80
C ALA D 140 -21.71 -30.27 15.96
N LYS D 141 -22.68 -30.50 15.07
CA LYS D 141 -22.66 -31.70 14.24
C LYS D 141 -21.57 -31.65 13.17
N ARG D 142 -21.50 -30.56 12.43
CA ARG D 142 -20.47 -30.40 11.42
C ARG D 142 -19.05 -30.54 11.99
N ILE D 143 -18.80 -29.90 13.13
CA ILE D 143 -17.46 -29.93 13.69
C ILE D 143 -17.11 -31.27 14.32
N LEU D 144 -18.11 -32.05 14.70
CA LEU D 144 -17.83 -33.40 15.19
C LEU D 144 -17.61 -34.36 14.04
N LEU D 145 -18.16 -34.05 12.87
CA LEU D 145 -17.88 -34.83 11.67
C LEU D 145 -16.51 -34.47 11.13
N LEU D 146 -16.15 -33.19 11.17
CA LEU D 146 -14.81 -32.80 10.77
C LEU D 146 -13.80 -33.53 11.65
N ARG D 147 -14.04 -33.52 12.96
CA ARG D 147 -13.08 -34.14 13.88
C ARG D 147 -12.88 -35.58 13.47
N ASP D 148 -13.99 -36.28 13.23
CA ASP D 148 -13.91 -37.69 12.92
C ASP D 148 -13.20 -37.97 11.60
N LYS D 149 -13.53 -37.17 10.59
CA LYS D 149 -12.90 -37.25 9.27
C LYS D 149 -11.41 -37.01 9.36
N LEU D 150 -11.02 -35.94 10.05
CA LEU D 150 -9.62 -35.64 10.24
C LEU D 150 -8.89 -36.76 10.97
N ASN D 151 -9.47 -37.23 12.06
CA ASN D 151 -8.86 -38.32 12.81
C ASN D 151 -8.69 -39.58 11.99
N LYS D 152 -9.63 -39.86 11.09
CA LYS D 152 -9.54 -41.06 10.25
C LYS D 152 -8.47 -40.93 9.18
N VAL D 153 -8.29 -39.74 8.62
CA VAL D 153 -7.22 -39.54 7.65
C VAL D 153 -5.87 -39.56 8.34
N LEU D 154 -5.83 -39.05 9.55
CA LEU D 154 -4.58 -39.03 10.30
C LEU D 154 -4.20 -40.45 10.67
N ALA D 155 -5.17 -41.24 11.12
CA ALA D 155 -4.91 -42.63 11.48
C ALA D 155 -4.36 -43.39 10.27
N GLU D 156 -4.96 -43.18 9.10
CA GLU D 156 -4.49 -43.81 7.89
C GLU D 156 -3.01 -43.49 7.69
N ARG D 157 -2.68 -42.20 7.73
CA ARG D 157 -1.35 -41.74 7.32
C ARG D 157 -0.23 -41.97 8.33
N THR D 158 -0.58 -42.01 9.62
CA THR D 158 0.40 -42.44 10.62
C THR D 158 0.39 -43.97 10.82
N GLY D 159 -0.68 -44.62 10.39
CA GLY D 159 -0.87 -46.04 10.65
C GLY D 159 -1.26 -46.35 12.08
N GLN D 160 -1.56 -45.31 12.85
CA GLN D 160 -1.99 -45.47 14.23
C GLN D 160 -3.45 -45.92 14.29
N PRO D 161 -3.80 -46.70 15.31
CA PRO D 161 -5.21 -47.07 15.48
C PRO D 161 -6.04 -45.83 15.76
N LEU D 162 -7.22 -45.75 15.16
CA LEU D 162 -8.04 -44.56 15.28
C LEU D 162 -8.20 -44.15 16.72
N GLU D 163 -8.28 -45.12 17.62
CA GLU D 163 -8.60 -44.83 19.02
C GLU D 163 -7.45 -44.14 19.75
N VAL D 164 -6.24 -44.25 19.21
CA VAL D 164 -5.12 -43.52 19.78
C VAL D 164 -5.14 -42.07 19.31
N ILE D 165 -5.37 -41.89 18.02
CA ILE D 165 -5.54 -40.55 17.48
C ILE D 165 -6.61 -39.77 18.25
N GLU D 166 -7.72 -40.40 18.57
CA GLU D 166 -8.81 -39.70 19.27
C GLU D 166 -8.36 -39.30 20.67
N ARG D 167 -7.65 -40.20 21.32
CA ARG D 167 -7.17 -39.96 22.66
C ARG D 167 -5.97 -38.98 22.65
N ASP D 168 -5.14 -39.07 21.61
CA ASP D 168 -3.91 -38.26 21.54
C ASP D 168 -4.16 -36.82 21.09
N THR D 169 -5.28 -36.61 20.42
CA THR D 169 -5.62 -35.26 19.98
C THR D 169 -6.58 -34.51 20.90
N ASP D 170 -7.00 -35.12 22.02
CA ASP D 170 -7.94 -34.43 22.94
C ASP D 170 -7.48 -33.03 23.41
N ARG D 171 -6.20 -32.87 23.71
CA ARG D 171 -5.68 -31.54 23.98
C ARG D 171 -4.43 -31.34 23.18
N ASP D 172 -3.92 -30.10 23.16
CA ASP D 172 -2.74 -29.80 22.36
C ASP D 172 -1.69 -30.84 22.69
N ASN D 173 -1.16 -31.47 21.66
CA ASN D 173 -0.18 -32.53 21.78
C ASN D 173 1.07 -32.13 21.02
N PHE D 174 2.13 -31.80 21.74
CA PHE D 174 3.33 -31.30 21.10
C PHE D 174 4.34 -32.43 21.05
N LYS D 175 5.04 -32.54 19.91
CA LYS D 175 5.99 -33.63 19.71
C LYS D 175 7.29 -33.10 19.16
N SER D 176 8.40 -33.70 19.56
CA SER D 176 9.69 -33.34 19.00
C SER D 176 9.82 -34.05 17.65
N ALA D 177 10.91 -33.79 16.94
CA ALA D 177 11.18 -34.53 15.71
C ALA D 177 11.20 -36.05 15.96
N GLU D 178 11.95 -36.48 16.97
CA GLU D 178 12.01 -37.90 17.31
C GLU D 178 10.62 -38.45 17.62
N GLU D 179 9.89 -37.72 18.44
CA GLU D 179 8.55 -38.14 18.84
C GLU D 179 7.62 -38.21 17.65
N ALA D 180 7.75 -37.26 16.73
CA ALA D 180 6.95 -37.26 15.50
C ALA D 180 7.26 -38.47 14.65
N LEU D 181 8.54 -38.79 14.51
CA LEU D 181 8.99 -39.95 13.75
C LEU D 181 8.45 -41.25 14.35
N GLU D 182 8.60 -41.40 15.66
CA GLU D 182 8.05 -42.55 16.36
C GLU D 182 6.53 -42.67 16.21
N TYR D 183 5.85 -41.55 16.07
CA TYR D 183 4.39 -41.59 15.96
C TYR D 183 3.94 -41.95 14.56
N GLY D 184 4.79 -41.70 13.58
CA GLY D 184 4.42 -41.97 12.19
C GLY D 184 3.88 -40.76 11.43
N LEU D 185 4.12 -39.55 11.96
CA LEU D 185 3.76 -38.34 11.25
C LEU D 185 4.79 -38.04 10.15
N ILE D 186 6.03 -38.53 10.37
CA ILE D 186 7.14 -38.35 9.43
C ILE D 186 7.96 -39.63 9.21
N ASP D 187 8.82 -39.57 8.21
CA ASP D 187 9.62 -40.71 7.77
C ASP D 187 11.07 -40.63 8.24
N LYS D 188 11.76 -39.55 7.88
CA LYS D 188 13.13 -39.41 8.32
C LYS D 188 13.38 -38.02 8.92
N ILE D 189 14.21 -37.97 9.95
CA ILE D 189 14.76 -36.71 10.42
C ILE D 189 16.02 -36.36 9.60
N LEU D 190 15.99 -35.27 8.86
CA LEU D 190 17.14 -34.84 8.06
C LEU D 190 18.29 -34.34 8.92
N THR D 191 19.51 -34.35 8.37
CA THR D 191 20.69 -33.84 9.06
C THR D 191 21.74 -33.38 8.06
N ILE E 4 1.57 -13.82 -3.67
CA ILE E 4 1.41 -14.26 -5.06
C ILE E 4 2.77 -14.23 -5.72
N PRO E 5 3.27 -15.38 -6.20
CA PRO E 5 4.54 -15.49 -6.95
C PRO E 5 4.43 -15.39 -8.48
N THR E 6 5.57 -15.41 -9.16
CA THR E 6 5.64 -15.03 -10.57
C THR E 6 6.42 -16.03 -11.47
N VAL E 7 5.80 -16.45 -12.58
CA VAL E 7 6.43 -17.44 -13.46
C VAL E 7 6.98 -16.82 -14.76
N ILE E 8 8.22 -17.17 -15.12
CA ILE E 8 8.86 -16.67 -16.36
C ILE E 8 8.86 -17.72 -17.49
N ALA E 17 6.81 -13.36 -18.45
CA ALA E 17 6.67 -12.79 -17.10
C ALA E 17 5.21 -12.73 -16.63
N TYR E 18 4.76 -13.75 -15.89
CA TYR E 18 3.38 -13.82 -15.38
C TYR E 18 3.31 -13.77 -13.84
N ASP E 19 2.10 -13.83 -13.29
CA ASP E 19 1.92 -14.23 -11.90
C ASP E 19 1.16 -15.55 -11.90
N ILE E 20 1.31 -16.34 -10.83
CA ILE E 20 0.82 -17.71 -10.86
C ILE E 20 -0.61 -17.85 -11.42
N TYR E 21 -1.50 -16.91 -11.10
CA TYR E 21 -2.89 -17.03 -11.52
C TYR E 21 -3.07 -16.73 -13.00
N SER E 22 -2.39 -15.70 -13.51
CA SER E 22 -2.45 -15.38 -14.93
C SER E 22 -1.85 -16.52 -15.72
N ARG E 23 -0.86 -17.17 -15.12
CA ARG E 23 -0.26 -18.34 -15.72
C ARG E 23 -1.32 -19.39 -15.94
N LEU E 24 -2.11 -19.66 -14.90
CA LEU E 24 -3.15 -20.68 -14.99
C LEU E 24 -4.29 -20.21 -15.88
N LEU E 25 -4.36 -18.90 -16.08
CA LEU E 25 -5.39 -18.34 -16.92
C LEU E 25 -5.07 -18.70 -18.37
N LYS E 26 -3.78 -18.68 -18.69
CA LYS E 26 -3.26 -19.12 -20.00
C LYS E 26 -3.76 -20.53 -20.36
N ASP E 27 -3.79 -21.40 -19.35
CA ASP E 27 -4.22 -22.80 -19.51
C ASP E 27 -5.73 -22.93 -19.34
N ARG E 28 -6.42 -21.80 -19.33
CA ARG E 28 -7.88 -21.76 -19.25
C ARG E 28 -8.43 -22.21 -17.89
N ILE E 29 -7.64 -21.99 -16.85
CA ILE E 29 -8.08 -22.23 -15.48
C ILE E 29 -8.39 -20.92 -14.73
N ILE E 30 -9.57 -20.86 -14.13
CA ILE E 30 -9.92 -19.75 -13.25
C ILE E 30 -9.95 -20.20 -11.78
N MET E 31 -9.33 -19.43 -10.90
CA MET E 31 -9.30 -19.79 -9.49
C MET E 31 -10.15 -18.84 -8.67
N LEU E 32 -11.28 -19.32 -8.14
CA LEU E 32 -12.07 -18.48 -7.24
C LEU E 32 -11.79 -18.93 -5.82
N GLY E 33 -10.99 -18.14 -5.09
CA GLY E 33 -10.51 -18.54 -3.77
C GLY E 33 -10.98 -17.74 -2.56
N SER E 34 -11.94 -16.85 -2.76
CA SER E 34 -12.33 -15.93 -1.72
C SER E 34 -13.83 -15.75 -1.75
N ALA E 35 -14.36 -14.95 -0.83
CA ALA E 35 -15.79 -14.62 -0.83
C ALA E 35 -16.18 -13.79 -2.05
N ILE E 36 -17.38 -14.02 -2.55
CA ILE E 36 -17.84 -13.39 -3.78
C ILE E 36 -18.54 -12.06 -3.50
N ASP E 37 -17.93 -10.98 -3.96
CA ASP E 37 -18.53 -9.66 -3.87
C ASP E 37 -18.35 -8.99 -5.21
N ASP E 38 -18.75 -7.75 -5.32
CA ASP E 38 -18.67 -7.03 -6.59
C ASP E 38 -17.28 -7.08 -7.27
N ASN E 39 -16.21 -7.07 -6.49
CA ASN E 39 -14.87 -7.08 -7.10
C ASN E 39 -14.55 -8.40 -7.73
N VAL E 40 -14.68 -9.48 -6.96
CA VAL E 40 -14.45 -10.81 -7.49
C VAL E 40 -15.34 -11.07 -8.71
N ALA E 41 -16.62 -10.80 -8.58
CA ALA E 41 -17.50 -10.97 -9.72
C ALA E 41 -16.94 -10.29 -10.98
N ASN E 42 -16.50 -9.05 -10.85
CA ASN E 42 -16.05 -8.30 -12.02
C ASN E 42 -14.86 -8.98 -12.67
N SER E 43 -13.86 -9.30 -11.84
CA SER E 43 -12.64 -9.95 -12.31
C SER E 43 -12.90 -11.33 -12.91
N ILE E 44 -13.83 -12.07 -12.34
CA ILE E 44 -14.11 -13.42 -12.82
C ILE E 44 -14.92 -13.39 -14.11
N VAL E 45 -15.92 -12.52 -14.16
CA VAL E 45 -16.74 -12.40 -15.35
C VAL E 45 -15.85 -11.93 -16.50
N SER E 46 -14.84 -11.11 -16.19
CA SER E 46 -14.02 -10.59 -17.25
C SER E 46 -12.95 -11.59 -17.69
N GLN E 47 -12.60 -12.52 -16.81
CA GLN E 47 -11.70 -13.63 -17.19
C GLN E 47 -12.47 -14.56 -18.10
N LEU E 48 -13.71 -14.87 -17.74
CA LEU E 48 -14.57 -15.69 -18.58
C LEU E 48 -14.67 -15.15 -20.00
N LEU E 49 -14.95 -13.84 -20.13
CA LEU E 49 -15.17 -13.22 -21.44
C LEU E 49 -13.89 -13.22 -22.25
N PHE E 50 -12.78 -12.90 -21.61
CA PHE E 50 -11.51 -12.93 -22.28
C PHE E 50 -11.25 -14.32 -22.88
N LEU E 51 -11.40 -15.37 -22.08
CA LEU E 51 -11.16 -16.72 -22.55
C LEU E 51 -12.12 -17.18 -23.66
N ALA E 52 -13.38 -16.76 -23.58
CA ALA E 52 -14.36 -17.07 -24.62
C ALA E 52 -14.03 -16.35 -25.92
N ALA E 53 -13.35 -15.22 -25.79
CA ALA E 53 -12.94 -14.45 -26.95
C ALA E 53 -11.68 -15.07 -27.54
N GLU E 54 -10.92 -15.76 -26.69
CA GLU E 54 -9.67 -16.37 -27.15
C GLU E 54 -9.95 -17.66 -27.88
N ASP E 55 -10.84 -18.47 -27.31
CA ASP E 55 -11.22 -19.72 -27.94
C ASP E 55 -12.67 -20.14 -27.68
N PRO E 56 -13.62 -19.68 -28.50
CA PRO E 56 -15.03 -19.98 -28.21
C PRO E 56 -15.30 -21.49 -28.11
N GLU E 57 -14.36 -22.28 -28.59
CA GLU E 57 -14.47 -23.75 -28.59
C GLU E 57 -13.98 -24.45 -27.31
N LYS E 58 -12.70 -24.25 -26.96
CA LYS E 58 -12.05 -24.90 -25.82
C LYS E 58 -12.71 -24.71 -24.44
N GLU E 59 -12.82 -25.79 -23.68
CA GLU E 59 -13.48 -25.72 -22.38
C GLU E 59 -12.70 -24.85 -21.38
N ILE E 60 -13.40 -24.40 -20.34
CA ILE E 60 -12.81 -23.62 -19.25
C ILE E 60 -12.95 -24.35 -17.92
N SER E 61 -11.95 -24.24 -17.06
CA SER E 61 -11.98 -24.84 -15.72
C SER E 61 -12.06 -23.81 -14.58
N LEU E 62 -13.16 -23.83 -13.84
CA LEU E 62 -13.33 -22.95 -12.68
C LEU E 62 -13.15 -23.73 -11.36
N TYR E 63 -12.03 -23.54 -10.66
CA TYR E 63 -11.88 -24.10 -9.31
C TYR E 63 -12.56 -23.23 -8.27
N ILE E 64 -13.34 -23.85 -7.39
CA ILE E 64 -14.11 -23.11 -6.42
C ILE E 64 -13.74 -23.51 -4.99
N ASN E 65 -13.12 -22.60 -4.25
CA ASN E 65 -13.11 -22.72 -2.80
C ASN E 65 -13.52 -21.37 -2.21
N SER E 66 -14.77 -21.29 -1.78
CA SER E 66 -15.33 -20.00 -1.38
C SER E 66 -16.42 -20.18 -0.31
N PRO E 67 -16.46 -19.27 0.67
CA PRO E 67 -17.51 -19.15 1.71
C PRO E 67 -18.85 -18.66 1.15
N GLY E 68 -18.88 -18.21 -0.10
CA GLY E 68 -20.09 -17.64 -0.66
C GLY E 68 -20.04 -16.13 -0.72
N GLY E 69 -21.18 -15.48 -0.75
CA GLY E 69 -21.21 -14.04 -0.81
C GLY E 69 -22.48 -13.45 -1.41
N SER E 70 -22.36 -12.25 -1.94
CA SER E 70 -23.50 -11.54 -2.50
C SER E 70 -24.26 -12.32 -3.57
N ILE E 71 -25.58 -12.23 -3.48
CA ILE E 71 -26.43 -12.94 -4.42
C ILE E 71 -26.30 -12.35 -5.83
N THR E 72 -26.26 -11.03 -5.95
CA THR E 72 -26.18 -10.40 -7.27
C THR E 72 -24.81 -10.52 -7.95
N ALA E 73 -23.73 -10.46 -7.18
CA ALA E 73 -22.42 -10.75 -7.75
C ALA E 73 -22.39 -12.20 -8.25
N GLY E 74 -23.02 -13.08 -7.49
CA GLY E 74 -23.02 -14.49 -7.85
C GLY E 74 -23.79 -14.76 -9.12
N MET E 75 -24.93 -14.10 -9.28
CA MET E 75 -25.71 -14.27 -10.50
C MET E 75 -24.97 -13.76 -11.74
N ALA E 76 -24.21 -12.68 -11.58
CA ALA E 76 -23.45 -12.13 -12.70
C ALA E 76 -22.58 -13.25 -13.22
N ILE E 77 -21.88 -13.92 -12.30
CA ILE E 77 -21.00 -15.01 -12.66
C ILE E 77 -21.79 -16.20 -13.23
N TYR E 78 -22.92 -16.51 -12.62
CA TYR E 78 -23.73 -17.63 -13.08
C TYR E 78 -24.16 -17.40 -14.52
N ASP E 79 -24.69 -16.21 -14.78
CA ASP E 79 -25.27 -15.87 -16.07
C ASP E 79 -24.23 -15.83 -17.20
N THR E 80 -23.01 -15.44 -16.86
CA THR E 80 -21.93 -15.36 -17.83
C THR E 80 -21.51 -16.78 -18.18
N MET E 81 -21.32 -17.60 -17.17
CA MET E 81 -20.96 -18.99 -17.42
C MET E 81 -21.86 -19.65 -18.49
N GLN E 82 -23.18 -19.40 -18.42
CA GLN E 82 -24.15 -19.95 -19.40
C GLN E 82 -24.14 -19.21 -20.74
N PHE E 83 -23.74 -17.94 -20.72
CA PHE E 83 -23.79 -17.05 -21.87
C PHE E 83 -22.64 -17.25 -22.88
N ILE E 84 -21.41 -17.32 -22.39
CA ILE E 84 -20.31 -17.51 -23.29
C ILE E 84 -20.44 -18.91 -23.91
N LYS E 85 -19.86 -19.07 -25.10
CA LYS E 85 -19.95 -20.34 -25.81
C LYS E 85 -19.20 -21.51 -25.12
N PRO E 86 -17.92 -21.31 -24.71
CA PRO E 86 -17.16 -22.37 -24.04
C PRO E 86 -17.93 -23.06 -22.90
N LYS E 87 -17.74 -24.37 -22.81
CA LYS E 87 -18.36 -25.11 -21.74
C LYS E 87 -17.52 -24.99 -20.48
N VAL E 88 -18.17 -24.64 -19.38
CA VAL E 88 -17.45 -24.35 -18.16
C VAL E 88 -17.57 -25.48 -17.17
N SER E 89 -16.43 -26.03 -16.80
CA SER E 89 -16.32 -27.13 -15.86
C SER E 89 -16.00 -26.62 -14.45
N THR E 90 -16.81 -27.03 -13.46
CA THR E 90 -16.59 -26.61 -12.06
C THR E 90 -15.99 -27.69 -11.18
N ILE E 91 -14.99 -27.32 -10.39
CA ILE E 91 -14.35 -28.25 -9.45
C ILE E 91 -14.35 -27.67 -8.05
N CYS E 92 -14.95 -28.37 -7.10
CA CYS E 92 -14.95 -27.88 -5.74
C CYS E 92 -13.74 -28.42 -4.99
N ILE E 93 -12.84 -27.54 -4.59
CA ILE E 93 -11.75 -27.90 -3.67
C ILE E 93 -12.05 -27.19 -2.36
N GLY E 94 -11.78 -27.82 -1.22
CA GLY E 94 -12.14 -27.15 0.01
C GLY E 94 -13.65 -27.11 0.18
N MET E 95 -14.21 -25.91 0.15
CA MET E 95 -15.61 -25.76 0.42
C MET E 95 -16.30 -24.86 -0.60
N ALA E 96 -17.48 -25.24 -1.05
CA ALA E 96 -18.27 -24.35 -1.86
C ALA E 96 -19.59 -24.15 -1.12
N ALA E 97 -19.83 -22.92 -0.68
CA ALA E 97 -21.00 -22.69 0.16
C ALA E 97 -21.83 -21.54 -0.38
N SER E 98 -23.13 -21.63 -0.14
CA SER E 98 -24.03 -20.52 -0.46
C SER E 98 -23.89 -20.21 -1.98
N MET E 99 -23.43 -19.02 -2.35
CA MET E 99 -23.24 -18.71 -3.77
C MET E 99 -22.16 -19.56 -4.45
N GLY E 100 -21.19 -20.04 -3.69
CA GLY E 100 -20.22 -21.00 -4.18
C GLY E 100 -20.89 -22.29 -4.60
N ALA E 101 -21.76 -22.82 -3.76
CA ALA E 101 -22.43 -24.07 -4.05
C ALA E 101 -23.27 -23.88 -5.31
N PHE E 102 -23.88 -22.72 -5.41
CA PHE E 102 -24.74 -22.42 -6.52
C PHE E 102 -23.93 -22.40 -7.83
N LEU E 103 -22.71 -21.85 -7.75
CA LEU E 103 -21.82 -21.80 -8.89
C LEU E 103 -21.23 -23.17 -9.25
N LEU E 104 -21.09 -24.04 -8.27
CA LEU E 104 -20.57 -25.38 -8.51
C LEU E 104 -21.59 -26.17 -9.29
N ALA E 105 -22.86 -26.05 -8.87
CA ALA E 105 -23.98 -26.75 -9.49
C ALA E 105 -24.28 -26.22 -10.91
N ALA E 106 -23.66 -25.09 -11.25
CA ALA E 106 -23.93 -24.41 -12.51
C ALA E 106 -22.90 -24.76 -13.59
N GLY E 107 -21.97 -25.65 -13.27
CA GLY E 107 -21.00 -26.07 -14.26
C GLY E 107 -21.74 -26.94 -15.27
N GLU E 108 -21.13 -27.15 -16.44
CA GLU E 108 -21.69 -27.99 -17.49
C GLU E 108 -22.07 -29.37 -16.97
N LYS E 109 -23.28 -29.82 -17.29
CA LYS E 109 -23.75 -31.10 -16.76
C LYS E 109 -22.80 -32.20 -17.21
N GLY E 110 -22.39 -33.05 -16.27
CA GLY E 110 -21.37 -34.06 -16.52
C GLY E 110 -19.96 -33.55 -16.29
N LYS E 111 -19.83 -32.23 -16.22
CA LYS E 111 -18.56 -31.55 -15.89
C LYS E 111 -18.39 -30.99 -14.45
N ARG E 112 -19.34 -31.26 -13.55
CA ARG E 112 -19.24 -30.73 -12.18
C ARG E 112 -18.58 -31.73 -11.21
N TYR E 113 -17.40 -31.35 -10.71
CA TYR E 113 -16.61 -32.27 -9.90
C TYR E 113 -16.40 -31.78 -8.48
N ALA E 114 -15.81 -32.63 -7.65
CA ALA E 114 -15.32 -32.23 -6.34
C ALA E 114 -14.25 -33.21 -5.92
N LEU E 115 -13.33 -32.76 -5.07
CA LEU E 115 -12.33 -33.64 -4.52
C LEU E 115 -12.88 -34.33 -3.25
N PRO E 116 -12.30 -35.48 -2.87
CA PRO E 116 -12.95 -36.38 -1.90
C PRO E 116 -13.32 -35.71 -0.57
N ASN E 117 -12.52 -34.74 -0.13
CA ASN E 117 -12.75 -34.09 1.14
C ASN E 117 -13.52 -32.77 1.11
N SER E 118 -14.03 -32.39 -0.06
CA SER E 118 -14.75 -31.13 -0.22
C SER E 118 -16.06 -31.07 0.57
N GLU E 119 -16.45 -29.86 0.95
CA GLU E 119 -17.77 -29.66 1.52
C GLU E 119 -18.58 -28.81 0.57
N VAL E 120 -19.88 -29.02 0.58
CA VAL E 120 -20.81 -28.21 -0.16
C VAL E 120 -21.83 -27.75 0.87
N MET E 121 -22.13 -26.46 0.88
CA MET E 121 -23.16 -25.98 1.77
C MET E 121 -24.18 -25.14 1.00
N ILE E 122 -25.46 -25.37 1.28
CA ILE E 122 -26.53 -24.62 0.66
C ILE E 122 -27.47 -24.12 1.74
N HIS E 123 -27.94 -22.90 1.56
CA HIS E 123 -28.88 -22.33 2.50
C HIS E 123 -29.66 -21.22 1.84
N GLN E 124 -30.59 -20.63 2.59
CA GLN E 124 -31.35 -19.51 2.06
C GLN E 124 -30.57 -18.18 2.14
N PRO E 125 -30.98 -17.21 1.33
CA PRO E 125 -30.33 -15.90 1.23
C PRO E 125 -30.38 -15.18 2.56
N LEU E 126 -29.41 -14.30 2.80
CA LEU E 126 -29.39 -13.42 3.96
C LEU E 126 -29.49 -11.98 3.51
N GLY E 127 -30.17 -11.15 4.31
CA GLY E 127 -30.35 -9.76 3.96
C GLY E 127 -30.67 -8.92 5.16
N GLY E 128 -30.97 -7.65 4.93
CA GLY E 128 -31.33 -6.76 6.01
C GLY E 128 -32.20 -5.66 5.50
N ALA E 129 -33.03 -5.12 6.39
CA ALA E 129 -33.91 -4.02 6.06
C ALA E 129 -34.07 -3.12 7.27
N GLN E 130 -33.97 -1.82 7.05
CA GLN E 130 -34.17 -0.84 8.10
C GLN E 130 -35.18 0.17 7.56
N GLY E 131 -35.75 1.01 8.42
CA GLY E 131 -36.68 2.00 7.92
C GLY E 131 -38.16 1.78 8.18
N GLN E 132 -38.96 2.50 7.42
CA GLN E 132 -40.41 2.44 7.53
C GLN E 132 -40.96 1.07 7.14
N ALA E 133 -42.16 0.75 7.63
CA ALA E 133 -42.90 -0.45 7.27
C ALA E 133 -42.88 -0.64 5.77
N THR E 134 -43.20 0.40 5.01
CA THR E 134 -43.20 0.31 3.57
C THR E 134 -41.86 -0.16 3.00
N GLU E 135 -40.77 0.34 3.59
CA GLU E 135 -39.40 -0.02 3.17
C GLU E 135 -39.06 -1.46 3.58
N ILE E 136 -39.48 -1.86 4.76
CA ILE E 136 -39.18 -3.21 5.18
C ILE E 136 -39.94 -4.20 4.30
N GLU E 137 -41.12 -3.80 3.80
CA GLU E 137 -41.93 -4.70 3.00
C GLU E 137 -41.33 -4.87 1.60
N ILE E 138 -40.74 -3.81 1.08
CA ILE E 138 -40.12 -3.89 -0.22
C ILE E 138 -38.94 -4.85 -0.16
N ALA E 139 -38.15 -4.75 0.91
CA ALA E 139 -36.99 -5.61 1.11
C ALA E 139 -37.43 -7.06 1.33
N ALA E 140 -38.52 -7.24 2.05
CA ALA E 140 -39.06 -8.57 2.26
C ALA E 140 -39.40 -9.23 0.93
N LYS E 141 -40.05 -8.47 0.06
CA LYS E 141 -40.56 -9.03 -1.19
C LYS E 141 -39.40 -9.37 -2.11
N ARG E 142 -38.46 -8.44 -2.23
CA ARG E 142 -37.27 -8.66 -3.05
C ARG E 142 -36.50 -9.90 -2.63
N ILE E 143 -36.33 -10.09 -1.33
CA ILE E 143 -35.49 -11.18 -0.85
C ILE E 143 -36.22 -12.52 -0.96
N LEU E 144 -37.54 -12.49 -0.89
CA LEU E 144 -38.34 -13.69 -1.05
C LEU E 144 -38.45 -14.07 -2.52
N LEU E 145 -38.39 -13.08 -3.40
CA LEU E 145 -38.32 -13.36 -4.83
C LEU E 145 -36.96 -13.95 -5.18
N LEU E 146 -35.93 -13.51 -4.46
CA LEU E 146 -34.59 -14.00 -4.72
C LEU E 146 -34.48 -15.47 -4.31
N ARG E 147 -34.89 -15.75 -3.09
CA ARG E 147 -34.92 -17.11 -2.57
C ARG E 147 -35.59 -18.03 -3.57
N ASP E 148 -36.72 -17.61 -4.07
CA ASP E 148 -37.50 -18.43 -4.96
C ASP E 148 -36.77 -18.63 -6.29
N LYS E 149 -36.14 -17.57 -6.78
CA LYS E 149 -35.42 -17.65 -8.05
C LYS E 149 -34.19 -18.55 -7.96
N LEU E 150 -33.48 -18.47 -6.84
CA LEU E 150 -32.34 -19.35 -6.62
C LEU E 150 -32.82 -20.78 -6.51
N ASN E 151 -33.81 -21.00 -5.65
CA ASN E 151 -34.41 -22.32 -5.52
C ASN E 151 -34.80 -22.95 -6.84
N LYS E 152 -35.48 -22.21 -7.71
CA LYS E 152 -35.88 -22.78 -9.01
C LYS E 152 -34.68 -23.17 -9.90
N VAL E 153 -33.62 -22.39 -9.85
CA VAL E 153 -32.45 -22.71 -10.66
C VAL E 153 -31.73 -23.91 -10.08
N LEU E 154 -31.67 -23.99 -8.75
CA LEU E 154 -31.03 -25.13 -8.11
C LEU E 154 -31.81 -26.41 -8.42
N ALA E 155 -33.13 -26.30 -8.45
CA ALA E 155 -33.96 -27.48 -8.66
C ALA E 155 -33.72 -28.00 -10.07
N GLU E 156 -33.62 -27.08 -11.01
CA GLU E 156 -33.43 -27.45 -12.40
C GLU E 156 -32.16 -28.25 -12.55
N ARG E 157 -31.06 -27.71 -12.02
CA ARG E 157 -29.72 -28.23 -12.28
C ARG E 157 -29.30 -29.42 -11.41
N THR E 158 -29.96 -29.61 -10.27
CA THR E 158 -29.75 -30.83 -9.51
C THR E 158 -30.69 -31.97 -9.91
N GLY E 159 -31.81 -31.62 -10.53
CA GLY E 159 -32.84 -32.59 -10.81
C GLY E 159 -33.84 -32.80 -9.68
N GLN E 160 -33.60 -32.17 -8.53
CA GLN E 160 -34.51 -32.27 -7.38
C GLN E 160 -35.81 -31.49 -7.59
N PRO E 161 -36.88 -31.88 -6.87
CA PRO E 161 -38.13 -31.10 -6.94
C PRO E 161 -38.09 -29.79 -6.13
N LEU E 162 -38.69 -28.75 -6.67
CA LEU E 162 -38.65 -27.45 -6.04
C LEU E 162 -38.93 -27.52 -4.55
N GLU E 163 -39.90 -28.34 -4.15
CA GLU E 163 -40.36 -28.37 -2.75
C GLU E 163 -39.31 -29.00 -1.82
N VAL E 164 -38.43 -29.82 -2.39
CA VAL E 164 -37.37 -30.45 -1.63
C VAL E 164 -36.21 -29.48 -1.45
N ILE E 165 -36.01 -28.62 -2.45
CA ILE E 165 -34.97 -27.60 -2.35
C ILE E 165 -35.38 -26.61 -1.27
N GLU E 166 -36.67 -26.33 -1.21
CA GLU E 166 -37.19 -25.36 -0.25
C GLU E 166 -37.02 -25.83 1.18
N ARG E 167 -37.29 -27.11 1.42
CA ARG E 167 -37.11 -27.67 2.77
C ARG E 167 -35.64 -27.77 3.16
N ASP E 168 -34.80 -28.22 2.22
CA ASP E 168 -33.40 -28.50 2.52
C ASP E 168 -32.54 -27.24 2.68
N THR E 169 -33.01 -26.10 2.17
CA THR E 169 -32.30 -24.84 2.35
C THR E 169 -32.83 -23.97 3.51
N ASP E 170 -33.82 -24.48 4.25
CA ASP E 170 -34.40 -23.73 5.37
C ASP E 170 -33.34 -23.26 6.37
N ARG E 171 -32.38 -24.13 6.69
CA ARG E 171 -31.24 -23.72 7.50
C ARG E 171 -29.98 -24.29 6.85
N ASP E 172 -28.80 -24.00 7.38
CA ASP E 172 -27.54 -24.42 6.73
C ASP E 172 -27.44 -25.92 6.48
N ASN E 173 -27.24 -26.30 5.23
CA ASN E 173 -27.14 -27.71 4.88
C ASN E 173 -25.76 -28.08 4.36
N PHE E 174 -24.99 -28.79 5.19
CA PHE E 174 -23.62 -29.16 4.86
C PHE E 174 -23.58 -30.59 4.36
N LYS E 175 -22.91 -30.76 3.21
CA LYS E 175 -22.81 -32.04 2.55
C LYS E 175 -21.37 -32.42 2.20
N SER E 176 -21.06 -33.71 2.39
CA SER E 176 -19.80 -34.24 1.90
C SER E 176 -19.84 -34.34 0.37
N ALA E 177 -18.75 -34.76 -0.25
CA ALA E 177 -18.76 -34.88 -1.70
C ALA E 177 -19.74 -35.97 -2.19
N GLU E 178 -19.73 -37.13 -1.53
CA GLU E 178 -20.71 -38.19 -1.84
C GLU E 178 -22.14 -37.71 -1.71
N GLU E 179 -22.44 -37.01 -0.61
CA GLU E 179 -23.77 -36.45 -0.41
C GLU E 179 -24.05 -35.40 -1.48
N ALA E 180 -23.05 -34.60 -1.84
CA ALA E 180 -23.27 -33.60 -2.88
C ALA E 180 -23.59 -34.32 -4.16
N LEU E 181 -22.83 -35.39 -4.42
CA LEU E 181 -23.00 -36.21 -5.63
C LEU E 181 -24.39 -36.85 -5.69
N GLU E 182 -24.86 -37.33 -4.53
CA GLU E 182 -26.16 -37.98 -4.44
C GLU E 182 -27.32 -36.99 -4.53
N TYR E 183 -27.06 -35.73 -4.21
CA TYR E 183 -28.09 -34.70 -4.30
C TYR E 183 -28.24 -34.21 -5.71
N GLY E 184 -27.17 -34.33 -6.49
CA GLY E 184 -27.14 -33.79 -7.84
C GLY E 184 -26.48 -32.43 -7.98
N LEU E 185 -25.65 -32.06 -7.02
CA LEU E 185 -24.89 -30.81 -7.09
C LEU E 185 -23.61 -30.96 -7.91
N ILE E 186 -23.06 -32.17 -7.94
CA ILE E 186 -21.91 -32.49 -8.80
C ILE E 186 -22.12 -33.80 -9.57
N ASP E 187 -21.08 -34.21 -10.30
CA ASP E 187 -21.17 -35.33 -11.24
C ASP E 187 -20.21 -36.48 -10.91
N LYS E 188 -18.93 -36.20 -10.85
CA LYS E 188 -18.01 -37.20 -10.32
C LYS E 188 -17.21 -36.64 -9.15
N ILE E 189 -16.86 -37.51 -8.21
CA ILE E 189 -15.84 -37.18 -7.22
C ILE E 189 -14.49 -37.59 -7.81
N LEU E 190 -13.62 -36.61 -8.00
CA LEU E 190 -12.30 -36.80 -8.63
C LEU E 190 -11.29 -37.52 -7.75
N THR E 191 -10.32 -38.17 -8.38
CA THR E 191 -9.21 -38.84 -7.68
C THR E 191 -8.01 -39.00 -8.61
N ILE F 4 -6.56 -9.33 -9.71
CA ILE F 4 -6.16 -8.51 -10.85
C ILE F 4 -5.15 -9.23 -11.77
N PRO F 5 -5.56 -10.36 -12.40
CA PRO F 5 -4.59 -11.23 -13.08
C PRO F 5 -4.15 -10.60 -14.39
N THR F 6 -2.99 -11.06 -14.87
CA THR F 6 -2.38 -10.45 -16.04
C THR F 6 -2.34 -11.37 -17.29
N VAL F 7 -2.25 -10.76 -18.47
CA VAL F 7 -2.46 -11.47 -19.72
C VAL F 7 -1.39 -11.11 -20.77
N ILE F 8 -0.77 -12.12 -21.39
CA ILE F 8 0.08 -11.91 -22.58
C ILE F 8 0.47 -13.23 -23.22
N ALA F 17 2.10 -7.91 -22.16
CA ALA F 17 1.80 -7.92 -20.72
C ALA F 17 0.71 -6.90 -20.33
N TYR F 18 -0.55 -7.33 -20.31
CA TYR F 18 -1.67 -6.48 -19.90
C TYR F 18 -2.18 -6.83 -18.49
N ASP F 19 -3.23 -6.14 -18.06
CA ASP F 19 -4.02 -6.64 -16.94
C ASP F 19 -5.43 -6.88 -17.48
N ILE F 20 -6.13 -7.88 -16.94
CA ILE F 20 -7.33 -8.38 -17.61
C ILE F 20 -8.35 -7.29 -18.03
N TYR F 21 -8.44 -6.19 -17.28
CA TYR F 21 -9.38 -5.13 -17.67
C TYR F 21 -8.86 -4.36 -18.87
N SER F 22 -7.54 -4.19 -18.94
CA SER F 22 -6.94 -3.53 -20.10
C SER F 22 -7.09 -4.37 -21.37
N ARG F 23 -6.98 -5.69 -21.22
CA ARG F 23 -7.15 -6.58 -22.35
C ARG F 23 -8.58 -6.48 -22.90
N LEU F 24 -9.57 -6.39 -22.03
CA LEU F 24 -10.93 -6.17 -22.49
C LEU F 24 -11.10 -4.78 -23.11
N LEU F 25 -10.36 -3.79 -22.62
CA LEU F 25 -10.39 -2.46 -23.20
C LEU F 25 -9.91 -2.53 -24.65
N LYS F 26 -8.92 -3.40 -24.91
CA LYS F 26 -8.35 -3.54 -26.23
C LYS F 26 -9.44 -3.99 -27.20
N ASP F 27 -10.45 -4.68 -26.66
CA ASP F 27 -11.60 -5.18 -27.41
C ASP F 27 -12.74 -4.18 -27.41
N ARG F 28 -12.48 -3.00 -26.88
CA ARG F 28 -13.52 -1.97 -26.73
C ARG F 28 -14.58 -2.36 -25.70
N ILE F 29 -14.11 -3.02 -24.64
CA ILE F 29 -14.94 -3.43 -23.51
C ILE F 29 -14.60 -2.70 -22.20
N ILE F 30 -15.56 -1.92 -21.71
CA ILE F 30 -15.41 -1.26 -20.42
C ILE F 30 -16.25 -2.02 -19.40
N MET F 31 -15.66 -2.31 -18.24
CA MET F 31 -16.38 -3.01 -17.17
C MET F 31 -16.62 -2.05 -16.01
N LEU F 32 -17.87 -1.92 -15.58
CA LEU F 32 -18.20 -1.15 -14.38
C LEU F 32 -18.74 -2.10 -13.30
N GLY F 33 -17.89 -2.39 -12.31
CA GLY F 33 -18.18 -3.34 -11.25
C GLY F 33 -18.28 -2.80 -9.84
N SER F 34 -18.42 -1.49 -9.70
CA SER F 34 -18.36 -0.87 -8.39
C SER F 34 -19.38 0.23 -8.31
N ALA F 35 -19.47 0.89 -7.16
CA ALA F 35 -20.39 2.01 -7.02
C ALA F 35 -19.84 3.15 -7.82
N ILE F 36 -20.70 4.04 -8.28
CA ILE F 36 -20.22 5.15 -9.09
C ILE F 36 -19.87 6.38 -8.24
N ASP F 37 -18.57 6.66 -8.15
CA ASP F 37 -18.05 7.84 -7.47
C ASP F 37 -17.16 8.62 -8.43
N ASP F 38 -16.52 9.68 -7.96
CA ASP F 38 -15.69 10.52 -8.81
C ASP F 38 -14.47 9.82 -9.48
N ASN F 39 -13.76 8.94 -8.77
CA ASN F 39 -12.68 8.19 -9.42
C ASN F 39 -13.21 7.34 -10.57
N VAL F 40 -14.22 6.54 -10.28
CA VAL F 40 -14.84 5.67 -11.28
C VAL F 40 -15.30 6.48 -12.50
N ALA F 41 -16.09 7.53 -12.28
CA ALA F 41 -16.49 8.38 -13.40
C ALA F 41 -15.29 8.93 -14.18
N ASN F 42 -14.28 9.40 -13.47
CA ASN F 42 -13.07 9.88 -14.12
C ASN F 42 -12.49 8.79 -15.03
N SER F 43 -12.35 7.59 -14.50
CA SER F 43 -11.77 6.45 -15.24
C SER F 43 -12.59 5.96 -16.44
N ILE F 44 -13.91 5.94 -16.28
CA ILE F 44 -14.82 5.56 -17.34
C ILE F 44 -14.83 6.62 -18.43
N VAL F 45 -15.06 7.87 -18.04
CA VAL F 45 -15.06 8.97 -18.99
C VAL F 45 -13.81 8.94 -19.88
N SER F 46 -12.63 8.69 -19.31
CA SER F 46 -11.42 8.65 -20.12
C SER F 46 -11.21 7.36 -20.90
N GLN F 47 -11.75 6.25 -20.41
CA GLN F 47 -11.73 5.05 -21.25
C GLN F 47 -12.65 5.30 -22.44
N LEU F 48 -13.79 5.91 -22.19
CA LEU F 48 -14.68 6.34 -23.25
C LEU F 48 -14.01 7.29 -24.26
N LEU F 49 -13.38 8.36 -23.77
CA LEU F 49 -12.73 9.35 -24.63
C LEU F 49 -11.65 8.69 -25.46
N PHE F 50 -10.89 7.81 -24.82
CA PHE F 50 -9.81 7.10 -25.48
C PHE F 50 -10.31 6.24 -26.65
N LEU F 51 -11.36 5.48 -26.42
CA LEU F 51 -11.86 4.57 -27.45
C LEU F 51 -12.43 5.34 -28.64
N ALA F 52 -13.15 6.42 -28.36
CA ALA F 52 -13.67 7.27 -29.41
C ALA F 52 -12.53 7.89 -30.23
N ALA F 53 -11.43 8.22 -29.59
CA ALA F 53 -10.31 8.79 -30.31
C ALA F 53 -9.60 7.69 -31.08
N GLU F 54 -9.54 6.50 -30.49
CA GLU F 54 -8.94 5.37 -31.17
C GLU F 54 -9.64 5.14 -32.49
N ASP F 55 -10.85 4.57 -32.46
CA ASP F 55 -11.70 4.52 -33.64
C ASP F 55 -13.07 5.16 -33.42
N PRO F 56 -13.36 6.26 -34.13
CA PRO F 56 -14.61 6.98 -33.88
C PRO F 56 -15.90 6.27 -34.32
N GLU F 57 -15.81 5.35 -35.28
CA GLU F 57 -17.00 4.69 -35.81
C GLU F 57 -17.29 3.30 -35.24
N LYS F 58 -16.40 2.81 -34.39
CA LYS F 58 -16.47 1.44 -33.89
C LYS F 58 -17.24 1.41 -32.56
N GLU F 59 -18.28 0.56 -32.48
CA GLU F 59 -19.16 0.58 -31.32
C GLU F 59 -18.49 0.05 -30.06
N ILE F 60 -19.06 0.39 -28.89
CA ILE F 60 -18.42 0.16 -27.61
C ILE F 60 -19.33 -0.60 -26.64
N SER F 61 -18.72 -1.52 -25.88
CA SER F 61 -19.49 -2.31 -24.93
C SER F 61 -19.19 -1.95 -23.46
N LEU F 62 -20.23 -1.55 -22.74
CA LEU F 62 -20.10 -1.21 -21.31
C LEU F 62 -20.90 -2.19 -20.44
N TYR F 63 -20.20 -3.09 -19.74
CA TYR F 63 -20.86 -3.99 -18.82
C TYR F 63 -21.18 -3.30 -17.50
N ILE F 64 -22.41 -3.45 -17.03
CA ILE F 64 -22.80 -2.77 -15.81
C ILE F 64 -23.23 -3.74 -14.73
N ASN F 65 -22.44 -3.89 -13.68
CA ASN F 65 -22.96 -4.37 -12.42
C ASN F 65 -22.54 -3.44 -11.28
N SER F 66 -23.47 -2.61 -10.83
CA SER F 66 -23.18 -1.55 -9.90
C SER F 66 -24.39 -1.25 -9.00
N PRO F 67 -24.14 -0.95 -7.72
CA PRO F 67 -25.14 -0.53 -6.73
C PRO F 67 -25.63 0.89 -6.96
N GLY F 68 -24.95 1.66 -7.81
CA GLY F 68 -25.26 3.06 -8.00
C GLY F 68 -24.23 3.99 -7.37
N GLY F 69 -24.55 5.27 -7.24
CA GLY F 69 -23.60 6.20 -6.68
C GLY F 69 -24.00 7.64 -6.82
N SER F 70 -23.00 8.50 -6.89
CA SER F 70 -23.21 9.93 -7.11
C SER F 70 -23.91 10.29 -8.43
N ILE F 71 -24.86 11.20 -8.35
CA ILE F 71 -25.63 11.61 -9.50
C ILE F 71 -24.78 12.40 -10.49
N THR F 72 -23.88 13.25 -9.99
CA THR F 72 -23.08 14.10 -10.87
C THR F 72 -22.02 13.30 -11.60
N ALA F 73 -21.38 12.37 -10.89
CA ALA F 73 -20.46 11.44 -11.53
C ALA F 73 -21.24 10.53 -12.48
N GLY F 74 -22.46 10.16 -12.09
CA GLY F 74 -23.31 9.41 -12.98
C GLY F 74 -23.55 10.17 -14.27
N MET F 75 -23.95 11.44 -14.15
CA MET F 75 -24.19 12.26 -15.33
C MET F 75 -22.94 12.56 -16.17
N ALA F 76 -21.76 12.47 -15.57
CA ALA F 76 -20.55 12.69 -16.36
C ALA F 76 -20.47 11.55 -17.36
N ILE F 77 -20.70 10.32 -16.88
CA ILE F 77 -20.70 9.12 -17.72
C ILE F 77 -21.85 9.15 -18.74
N TYR F 78 -23.04 9.52 -18.30
CA TYR F 78 -24.15 9.71 -19.23
C TYR F 78 -23.76 10.63 -20.38
N ASP F 79 -23.44 11.87 -20.06
CA ASP F 79 -23.17 12.87 -21.10
C ASP F 79 -22.03 12.47 -22.04
N THR F 80 -21.02 11.80 -21.53
CA THR F 80 -19.91 11.39 -22.36
C THR F 80 -20.36 10.29 -23.34
N MET F 81 -21.30 9.45 -22.91
CA MET F 81 -21.78 8.37 -23.75
C MET F 81 -22.44 8.99 -24.98
N GLN F 82 -23.30 9.98 -24.72
CA GLN F 82 -24.03 10.69 -25.76
C GLN F 82 -23.11 11.51 -26.66
N PHE F 83 -22.12 12.13 -26.05
CA PHE F 83 -21.23 13.08 -26.72
C PHE F 83 -20.27 12.48 -27.76
N ILE F 84 -19.70 11.31 -27.47
CA ILE F 84 -18.82 10.66 -28.43
C ILE F 84 -19.61 10.04 -29.58
N LYS F 85 -18.88 9.79 -30.67
CA LYS F 85 -19.42 9.20 -31.91
C LYS F 85 -19.82 7.72 -31.78
N PRO F 86 -18.89 6.87 -31.28
CA PRO F 86 -19.26 5.45 -31.20
C PRO F 86 -20.63 5.24 -30.52
N LYS F 87 -21.40 4.28 -31.01
CA LYS F 87 -22.60 3.85 -30.30
C LYS F 87 -22.17 3.02 -29.12
N VAL F 88 -22.72 3.31 -27.95
CA VAL F 88 -22.37 2.57 -26.76
C VAL F 88 -23.51 1.68 -26.40
N SER F 89 -23.22 0.39 -26.23
CA SER F 89 -24.27 -0.57 -25.87
C SER F 89 -24.00 -1.02 -24.45
N THR F 90 -25.08 -1.10 -23.67
CA THR F 90 -24.96 -1.41 -22.25
C THR F 90 -25.49 -2.81 -21.97
N ILE F 91 -24.67 -3.64 -21.32
CA ILE F 91 -25.11 -4.96 -20.88
C ILE F 91 -25.26 -4.96 -19.35
N CYS F 92 -26.44 -5.22 -18.84
CA CYS F 92 -26.59 -5.35 -17.40
C CYS F 92 -26.29 -6.77 -16.93
N ILE F 93 -25.29 -6.89 -16.07
CA ILE F 93 -24.89 -8.18 -15.51
C ILE F 93 -25.15 -8.10 -14.02
N GLY F 94 -25.80 -9.09 -13.42
CA GLY F 94 -26.03 -8.93 -12.00
C GLY F 94 -27.02 -7.83 -11.72
N MET F 95 -26.58 -6.77 -11.07
CA MET F 95 -27.47 -5.69 -10.68
C MET F 95 -27.07 -4.33 -11.26
N ALA F 96 -27.99 -3.69 -11.97
CA ALA F 96 -27.82 -2.29 -12.32
C ALA F 96 -28.83 -1.47 -11.50
N ALA F 97 -28.34 -0.78 -10.48
CA ALA F 97 -29.22 -0.08 -9.58
C ALA F 97 -28.96 1.41 -9.58
N SER F 98 -30.05 2.15 -9.53
CA SER F 98 -29.96 3.56 -9.22
C SER F 98 -29.26 4.34 -10.37
N MET F 99 -28.13 5.00 -10.16
CA MET F 99 -27.49 5.68 -11.25
C MET F 99 -27.00 4.66 -12.28
N GLY F 100 -26.82 3.43 -11.81
CA GLY F 100 -26.49 2.31 -12.69
C GLY F 100 -27.59 1.93 -13.65
N ALA F 101 -28.84 1.87 -13.18
CA ALA F 101 -29.96 1.60 -14.08
C ALA F 101 -30.09 2.71 -15.10
N PHE F 102 -29.84 3.93 -14.68
CA PHE F 102 -29.86 5.08 -15.57
C PHE F 102 -28.85 4.97 -16.74
N LEU F 103 -27.66 4.44 -16.46
CA LEU F 103 -26.65 4.26 -17.48
C LEU F 103 -26.98 3.09 -18.39
N LEU F 104 -27.49 2.01 -17.80
CA LEU F 104 -27.95 0.87 -18.58
C LEU F 104 -28.96 1.38 -19.60
N ALA F 105 -29.90 2.19 -19.13
CA ALA F 105 -30.97 2.71 -19.98
C ALA F 105 -30.48 3.76 -20.98
N ALA F 106 -29.24 4.20 -20.84
CA ALA F 106 -28.71 5.25 -21.70
C ALA F 106 -27.92 4.69 -22.91
N GLY F 107 -27.78 3.38 -22.94
CA GLY F 107 -27.15 2.74 -24.09
C GLY F 107 -27.94 3.05 -25.35
N GLU F 108 -27.28 2.93 -26.50
CA GLU F 108 -27.87 3.14 -27.80
C GLU F 108 -29.14 2.33 -27.95
N LYS F 109 -30.23 2.95 -28.41
CA LYS F 109 -31.49 2.21 -28.62
C LYS F 109 -31.24 0.93 -29.44
N GLY F 110 -31.80 -0.19 -28.98
CA GLY F 110 -31.64 -1.48 -29.64
C GLY F 110 -30.40 -2.24 -29.19
N LYS F 111 -29.46 -1.50 -28.61
CA LYS F 111 -28.21 -2.06 -28.09
C LYS F 111 -28.10 -2.28 -26.56
N ARG F 112 -29.20 -2.06 -25.84
CA ARG F 112 -29.24 -2.21 -24.37
C ARG F 112 -29.73 -3.60 -23.93
N TYR F 113 -28.84 -4.36 -23.31
CA TYR F 113 -29.06 -5.78 -23.02
C TYR F 113 -29.05 -6.09 -21.54
N ALA F 114 -29.70 -7.19 -21.16
CA ALA F 114 -29.50 -7.74 -19.83
C ALA F 114 -29.28 -9.23 -19.93
N LEU F 115 -28.66 -9.83 -18.92
CA LEU F 115 -28.62 -11.29 -18.83
C LEU F 115 -29.82 -11.79 -18.01
N PRO F 116 -30.19 -13.08 -18.19
CA PRO F 116 -31.51 -13.56 -17.75
C PRO F 116 -31.79 -13.39 -16.26
N ASN F 117 -30.77 -13.46 -15.41
CA ASN F 117 -30.96 -13.29 -13.98
C ASN F 117 -30.66 -11.89 -13.41
N SER F 118 -30.36 -10.94 -14.30
CA SER F 118 -30.10 -9.56 -13.88
C SER F 118 -31.26 -8.89 -13.15
N GLU F 119 -30.91 -7.98 -12.24
CA GLU F 119 -31.89 -7.07 -11.65
C GLU F 119 -31.60 -5.66 -12.15
N VAL F 120 -32.65 -4.84 -12.21
CA VAL F 120 -32.52 -3.41 -12.43
C VAL F 120 -33.35 -2.73 -11.36
N MET F 121 -32.81 -1.71 -10.70
CA MET F 121 -33.59 -1.02 -9.68
C MET F 121 -33.59 0.48 -9.91
N ILE F 122 -34.77 1.09 -9.89
CA ILE F 122 -34.87 2.53 -10.03
C ILE F 122 -35.53 3.19 -8.81
N HIS F 123 -34.94 4.29 -8.34
CA HIS F 123 -35.59 5.08 -7.29
C HIS F 123 -35.28 6.58 -7.44
N GLN F 124 -35.84 7.39 -6.56
CA GLN F 124 -35.53 8.81 -6.55
C GLN F 124 -34.21 9.07 -5.82
N PRO F 125 -33.58 10.23 -6.09
CA PRO F 125 -32.27 10.64 -5.59
C PRO F 125 -32.18 10.70 -4.08
N LEU F 126 -30.98 10.45 -3.56
CA LEU F 126 -30.74 10.48 -2.12
C LEU F 126 -29.74 11.57 -1.84
N GLY F 127 -29.96 12.29 -0.74
CA GLY F 127 -29.04 13.34 -0.35
C GLY F 127 -29.20 13.84 1.05
N GLY F 128 -28.56 14.97 1.32
CA GLY F 128 -28.59 15.51 2.66
C GLY F 128 -28.34 16.99 2.66
N ALA F 129 -28.86 17.62 3.70
CA ALA F 129 -28.70 19.05 3.93
C ALA F 129 -28.54 19.26 5.43
N GLN F 130 -27.56 20.08 5.79
CA GLN F 130 -27.35 20.44 7.18
C GLN F 130 -27.26 21.96 7.23
N GLY F 131 -27.50 22.55 8.40
CA GLY F 131 -27.36 23.98 8.54
C GLY F 131 -28.61 24.83 8.62
N GLN F 132 -28.44 26.13 8.39
CA GLN F 132 -29.55 27.09 8.43
C GLN F 132 -30.67 26.71 7.48
N ALA F 133 -31.90 27.05 7.87
CA ALA F 133 -33.06 26.82 7.03
C ALA F 133 -32.80 27.31 5.60
N THR F 134 -32.21 28.49 5.48
CA THR F 134 -31.81 28.97 4.16
C THR F 134 -30.97 27.96 3.36
N GLU F 135 -30.02 27.31 4.04
CA GLU F 135 -29.12 26.36 3.39
C GLU F 135 -29.80 25.03 3.08
N ILE F 136 -30.69 24.58 3.97
CA ILE F 136 -31.44 23.36 3.75
C ILE F 136 -32.40 23.53 2.58
N GLU F 137 -32.97 24.72 2.46
CA GLU F 137 -33.87 25.02 1.36
C GLU F 137 -33.10 25.01 0.03
N ILE F 138 -31.90 25.57 0.04
CA ILE F 138 -31.08 25.57 -1.17
C ILE F 138 -30.85 24.14 -1.63
N ALA F 139 -30.68 23.24 -0.66
CA ALA F 139 -30.33 21.85 -0.96
C ALA F 139 -31.56 21.07 -1.37
N ALA F 140 -32.66 21.29 -0.67
CA ALA F 140 -33.95 20.77 -1.09
C ALA F 140 -34.25 21.17 -2.54
N LYS F 141 -33.99 22.43 -2.89
CA LYS F 141 -34.34 22.94 -4.21
C LYS F 141 -33.58 22.21 -5.26
N ARG F 142 -32.26 22.09 -5.06
CA ARG F 142 -31.41 21.44 -6.03
C ARG F 142 -31.76 19.98 -6.23
N ILE F 143 -32.14 19.29 -5.17
CA ILE F 143 -32.36 17.86 -5.28
C ILE F 143 -33.73 17.54 -5.89
N LEU F 144 -34.67 18.47 -5.79
CA LEU F 144 -35.94 18.28 -6.46
C LEU F 144 -35.74 18.55 -7.94
N LEU F 145 -34.78 19.40 -8.25
CA LEU F 145 -34.43 19.61 -9.64
C LEU F 145 -33.73 18.37 -10.20
N LEU F 146 -32.75 17.83 -9.47
CA LEU F 146 -32.02 16.67 -9.97
C LEU F 146 -33.02 15.57 -10.24
N ARG F 147 -33.97 15.43 -9.33
CA ARG F 147 -34.95 14.37 -9.41
C ARG F 147 -35.78 14.52 -10.67
N ASP F 148 -36.09 15.76 -11.01
CA ASP F 148 -36.91 16.03 -12.16
C ASP F 148 -36.13 15.90 -13.46
N LYS F 149 -34.92 16.43 -13.50
CA LYS F 149 -34.08 16.30 -14.68
C LYS F 149 -33.87 14.85 -14.98
N LEU F 150 -33.68 14.05 -13.93
CA LEU F 150 -33.44 12.62 -14.12
C LEU F 150 -34.68 11.91 -14.62
N ASN F 151 -35.81 12.12 -13.94
CA ASN F 151 -37.05 11.54 -14.40
C ASN F 151 -37.34 11.79 -15.86
N LYS F 152 -37.09 13.00 -16.34
CA LYS F 152 -37.41 13.33 -17.72
C LYS F 152 -36.49 12.63 -18.73
N VAL F 153 -35.20 12.53 -18.41
CA VAL F 153 -34.30 11.75 -19.26
C VAL F 153 -34.76 10.30 -19.29
N LEU F 154 -35.21 9.80 -18.14
CA LEU F 154 -35.56 8.40 -18.01
C LEU F 154 -36.81 8.06 -18.81
N ALA F 155 -37.76 8.99 -18.85
CA ALA F 155 -38.99 8.80 -19.60
C ALA F 155 -38.68 8.80 -21.09
N GLU F 156 -37.78 9.69 -21.53
CA GLU F 156 -37.34 9.68 -22.92
C GLU F 156 -36.76 8.33 -23.25
N ARG F 157 -35.81 7.88 -22.43
CA ARG F 157 -35.09 6.64 -22.72
C ARG F 157 -36.02 5.43 -22.75
N THR F 158 -36.95 5.37 -21.81
CA THR F 158 -37.89 4.26 -21.73
C THR F 158 -39.11 4.41 -22.64
N GLY F 159 -39.42 5.64 -23.04
CA GLY F 159 -40.66 5.92 -23.76
C GLY F 159 -41.89 5.88 -22.87
N GLN F 160 -41.67 5.84 -21.56
CA GLN F 160 -42.78 5.90 -20.60
C GLN F 160 -43.19 7.34 -20.35
N PRO F 161 -44.48 7.55 -20.05
CA PRO F 161 -44.93 8.93 -19.86
C PRO F 161 -44.36 9.43 -18.55
N LEU F 162 -44.06 10.72 -18.47
CA LEU F 162 -43.38 11.27 -17.32
C LEU F 162 -44.09 10.93 -16.03
N GLU F 163 -45.39 11.20 -15.97
CA GLU F 163 -46.10 10.99 -14.71
C GLU F 163 -45.94 9.57 -14.15
N VAL F 164 -45.65 8.59 -15.02
CA VAL F 164 -45.49 7.20 -14.57
C VAL F 164 -44.11 6.91 -13.95
N ILE F 165 -43.07 7.54 -14.50
CA ILE F 165 -41.74 7.47 -13.92
C ILE F 165 -41.73 8.07 -12.50
N GLU F 166 -42.51 9.12 -12.31
CA GLU F 166 -42.58 9.80 -11.01
C GLU F 166 -43.24 8.94 -9.95
N ARG F 167 -44.24 8.17 -10.38
CA ARG F 167 -44.91 7.20 -9.52
C ARG F 167 -44.03 5.98 -9.24
N ASP F 168 -43.38 5.46 -10.28
CA ASP F 168 -42.69 4.18 -10.16
C ASP F 168 -41.36 4.27 -9.42
N THR F 169 -40.81 5.47 -9.31
CA THR F 169 -39.59 5.70 -8.53
C THR F 169 -39.80 6.28 -7.11
N ASP F 170 -41.05 6.49 -6.69
CA ASP F 170 -41.30 6.99 -5.34
C ASP F 170 -40.53 6.20 -4.26
N ARG F 171 -40.53 4.87 -4.34
CA ARG F 171 -39.73 4.04 -3.44
C ARG F 171 -38.94 3.04 -4.26
N ASP F 172 -37.98 2.32 -3.65
CA ASP F 172 -37.13 1.39 -4.39
C ASP F 172 -38.01 0.48 -5.24
N ASN F 173 -37.68 0.38 -6.51
CA ASN F 173 -38.46 -0.42 -7.43
C ASN F 173 -37.55 -1.39 -8.12
N PHE F 174 -37.66 -2.66 -7.75
CA PHE F 174 -36.81 -3.72 -8.29
C PHE F 174 -37.55 -4.45 -9.39
N LYS F 175 -36.92 -4.50 -10.57
CA LYS F 175 -37.48 -5.19 -11.72
C LYS F 175 -36.56 -6.33 -12.14
N SER F 176 -37.13 -7.46 -12.52
CA SER F 176 -36.31 -8.55 -13.05
C SER F 176 -35.90 -8.16 -14.46
N ALA F 177 -35.11 -9.00 -15.13
CA ALA F 177 -34.73 -8.69 -16.51
C ALA F 177 -35.95 -8.56 -17.46
N GLU F 178 -36.96 -9.41 -17.28
CA GLU F 178 -38.16 -9.31 -18.12
C GLU F 178 -38.94 -8.04 -17.87
N GLU F 179 -39.19 -7.70 -16.61
CA GLU F 179 -39.89 -6.45 -16.28
C GLU F 179 -39.09 -5.23 -16.77
N ALA F 180 -37.77 -5.29 -16.61
CA ALA F 180 -36.90 -4.24 -17.13
C ALA F 180 -37.12 -4.13 -18.65
N LEU F 181 -37.33 -5.28 -19.28
CA LEU F 181 -37.65 -5.32 -20.71
C LEU F 181 -39.04 -4.71 -20.96
N GLU F 182 -40.07 -5.20 -20.29
CA GLU F 182 -41.42 -4.70 -20.56
C GLU F 182 -41.49 -3.22 -20.21
N TYR F 183 -40.60 -2.77 -19.31
CA TYR F 183 -40.60 -1.36 -18.90
C TYR F 183 -39.96 -0.42 -19.93
N GLY F 184 -39.01 -0.92 -20.69
CA GLY F 184 -38.33 -0.10 -21.68
C GLY F 184 -36.95 0.39 -21.28
N LEU F 185 -36.40 -0.17 -20.20
CA LEU F 185 -35.03 0.12 -19.78
C LEU F 185 -34.00 -0.68 -20.60
N ILE F 186 -34.41 -1.83 -21.12
CA ILE F 186 -33.56 -2.60 -22.04
C ILE F 186 -34.34 -3.05 -23.28
N ASP F 187 -33.61 -3.57 -24.26
CA ASP F 187 -34.15 -4.01 -25.55
C ASP F 187 -34.21 -5.54 -25.67
N LYS F 188 -33.07 -6.20 -25.51
CA LYS F 188 -33.04 -7.63 -25.64
C LYS F 188 -32.46 -8.27 -24.39
N ILE F 189 -33.16 -9.24 -23.81
CA ILE F 189 -32.55 -10.16 -22.85
C ILE F 189 -31.70 -11.13 -23.65
N LEU F 190 -30.49 -11.39 -23.16
CA LEU F 190 -29.47 -12.10 -23.94
C LEU F 190 -29.37 -13.59 -23.57
N THR F 191 -29.01 -14.41 -24.54
CA THR F 191 -28.75 -15.83 -24.29
C THR F 191 -27.82 -16.42 -25.35
N ILE G 4 -7.73 2.18 -12.73
CA ILE G 4 -6.80 2.81 -13.67
C ILE G 4 -6.19 1.82 -14.67
N PRO G 5 -6.86 1.57 -15.81
CA PRO G 5 -6.42 0.57 -16.80
C PRO G 5 -5.18 1.00 -17.56
N THR G 6 -4.54 0.05 -18.22
CA THR G 6 -3.32 0.32 -19.00
C THR G 6 -3.52 0.07 -20.50
N VAL G 7 -2.77 0.81 -21.32
CA VAL G 7 -2.94 0.77 -22.76
C VAL G 7 -1.58 0.68 -23.48
N ILE G 8 -1.38 -0.37 -24.28
CA ILE G 8 -0.08 -0.63 -24.94
C ILE G 8 0.02 0.01 -26.33
N ALA G 17 3.83 1.40 -23.29
CA ALA G 17 3.08 0.96 -22.11
C ALA G 17 2.61 2.14 -21.22
N TYR G 18 1.38 2.59 -21.43
CA TYR G 18 0.83 3.78 -20.77
C TYR G 18 -0.33 3.43 -19.82
N ASP G 19 -0.59 4.29 -18.84
CA ASP G 19 -1.81 4.19 -18.06
C ASP G 19 -2.80 5.19 -18.64
N ILE G 20 -4.08 4.87 -18.56
CA ILE G 20 -5.08 5.58 -19.33
C ILE G 20 -4.99 7.12 -19.25
N TYR G 21 -4.70 7.65 -18.06
CA TYR G 21 -4.61 9.11 -17.92
C TYR G 21 -3.39 9.66 -18.65
N SER G 22 -2.32 8.87 -18.69
CA SER G 22 -1.09 9.26 -19.38
C SER G 22 -1.24 9.22 -20.89
N ARG G 23 -1.94 8.22 -21.39
CA ARG G 23 -2.16 8.11 -22.82
C ARG G 23 -3.03 9.25 -23.30
N LEU G 24 -3.97 9.67 -22.46
CA LEU G 24 -4.77 10.85 -22.78
C LEU G 24 -3.89 12.12 -22.70
N LEU G 25 -2.92 12.11 -21.79
CA LEU G 25 -2.02 13.24 -21.65
C LEU G 25 -1.18 13.40 -22.91
N LYS G 26 -0.92 12.26 -23.57
CA LYS G 26 -0.16 12.24 -24.82
C LYS G 26 -0.92 12.97 -25.94
N ASP G 27 -2.24 13.06 -25.78
CA ASP G 27 -3.11 13.84 -26.66
C ASP G 27 -3.37 15.25 -26.13
N ARG G 28 -2.63 15.65 -25.10
CA ARG G 28 -2.79 16.98 -24.52
C ARG G 28 -4.14 17.13 -23.85
N ILE G 29 -4.63 16.05 -23.26
CA ILE G 29 -5.80 16.13 -22.40
C ILE G 29 -5.44 15.90 -20.93
N ILE G 30 -5.87 16.83 -20.09
CA ILE G 30 -5.67 16.69 -18.64
C ILE G 30 -7.03 16.48 -17.95
N MET G 31 -7.11 15.47 -17.10
CA MET G 31 -8.35 15.20 -16.39
C MET G 31 -8.27 15.65 -14.95
N LEU G 32 -9.10 16.62 -14.55
CA LEU G 32 -9.22 16.96 -13.15
C LEU G 32 -10.51 16.34 -12.62
N GLY G 33 -10.34 15.24 -11.87
CA GLY G 33 -11.44 14.39 -11.45
C GLY G 33 -11.73 14.31 -9.96
N SER G 34 -11.16 15.23 -9.20
CA SER G 34 -11.25 15.12 -7.75
C SER G 34 -11.24 16.49 -7.11
N ALA G 35 -11.20 16.52 -5.77
CA ALA G 35 -11.10 17.77 -5.06
C ALA G 35 -9.72 18.33 -5.27
N ILE G 36 -9.59 19.64 -5.24
CA ILE G 36 -8.32 20.29 -5.50
C ILE G 36 -7.58 20.59 -4.21
N ASP G 37 -6.48 19.89 -3.99
CA ASP G 37 -5.61 20.18 -2.87
C ASP G 37 -4.19 20.38 -3.42
N ASP G 38 -3.24 20.67 -2.53
CA ASP G 38 -1.87 20.95 -2.97
C ASP G 38 -1.32 19.83 -3.85
N ASN G 39 -1.79 18.61 -3.63
CA ASN G 39 -1.34 17.48 -4.43
C ASN G 39 -1.84 17.47 -5.87
N VAL G 40 -3.15 17.53 -6.03
CA VAL G 40 -3.75 17.70 -7.35
C VAL G 40 -3.14 18.90 -8.08
N ALA G 41 -3.06 20.05 -7.40
CA ALA G 41 -2.49 21.24 -8.04
C ALA G 41 -1.06 20.99 -8.47
N ASN G 42 -0.26 20.35 -7.63
CA ASN G 42 1.13 20.14 -7.98
C ASN G 42 1.21 19.29 -9.24
N SER G 43 0.26 18.38 -9.40
CA SER G 43 0.26 17.41 -10.48
C SER G 43 -0.23 18.02 -11.79
N ILE G 44 -1.28 18.82 -11.68
CA ILE G 44 -1.89 19.46 -12.82
C ILE G 44 -1.00 20.59 -13.34
N VAL G 45 -0.39 21.35 -12.44
CA VAL G 45 0.47 22.45 -12.85
C VAL G 45 1.62 21.85 -13.60
N SER G 46 2.16 20.78 -13.05
CA SER G 46 3.33 20.16 -13.63
C SER G 46 2.98 19.49 -14.96
N GLN G 47 1.74 19.04 -15.09
CA GLN G 47 1.27 18.55 -16.38
C GLN G 47 1.22 19.72 -17.34
N LEU G 48 0.70 20.86 -16.89
CA LEU G 48 0.59 22.01 -17.77
C LEU G 48 1.94 22.52 -18.26
N LEU G 49 2.97 22.42 -17.42
CA LEU G 49 4.31 22.90 -17.81
C LEU G 49 5.00 21.96 -18.80
N PHE G 50 4.68 20.68 -18.71
CA PHE G 50 5.24 19.70 -19.62
C PHE G 50 4.62 19.82 -21.01
N LEU G 51 3.31 20.01 -21.07
CA LEU G 51 2.64 20.18 -22.36
C LEU G 51 3.11 21.44 -23.08
N ALA G 52 3.28 22.53 -22.34
CA ALA G 52 3.80 23.76 -22.90
C ALA G 52 5.25 23.60 -23.38
N ALA G 53 6.03 22.78 -22.69
CA ALA G 53 7.39 22.52 -23.13
C ALA G 53 7.38 21.54 -24.30
N GLU G 54 6.29 20.80 -24.47
CA GLU G 54 6.16 19.91 -25.62
C GLU G 54 5.91 20.71 -26.88
N ASP G 55 4.84 21.49 -26.83
CA ASP G 55 4.42 22.29 -27.97
C ASP G 55 3.81 23.63 -27.57
N PRO G 56 4.64 24.65 -27.37
CA PRO G 56 4.12 25.94 -26.90
C PRO G 56 2.95 26.46 -27.76
N GLU G 57 2.85 25.99 -28.99
CA GLU G 57 1.79 26.46 -29.89
C GLU G 57 0.42 25.77 -29.70
N LYS G 58 0.43 24.46 -29.49
CA LYS G 58 -0.77 23.62 -29.58
C LYS G 58 -1.67 23.63 -28.35
N GLU G 59 -2.98 23.71 -28.58
CA GLU G 59 -3.91 23.91 -27.46
C GLU G 59 -3.98 22.71 -26.54
N ILE G 60 -4.47 22.95 -25.32
CA ILE G 60 -4.58 21.98 -24.25
C ILE G 60 -6.01 21.95 -23.72
N SER G 61 -6.48 20.76 -23.39
CA SER G 61 -7.84 20.60 -22.90
C SER G 61 -7.86 20.10 -21.45
N LEU G 62 -8.49 20.86 -20.58
CA LEU G 62 -8.68 20.49 -19.18
C LEU G 62 -10.12 20.06 -18.91
N TYR G 63 -10.35 18.77 -18.69
CA TYR G 63 -11.67 18.29 -18.31
C TYR G 63 -11.95 18.48 -16.82
N ILE G 64 -13.09 19.03 -16.48
CA ILE G 64 -13.32 19.32 -15.07
C ILE G 64 -14.56 18.65 -14.51
N ASN G 65 -14.33 17.66 -13.65
CA ASN G 65 -15.35 17.23 -12.71
C ASN G 65 -14.77 17.33 -11.32
N SER G 66 -15.16 18.35 -10.57
CA SER G 66 -14.55 18.57 -9.25
C SER G 66 -15.50 19.25 -8.28
N PRO G 67 -15.46 18.82 -7.01
CA PRO G 67 -16.15 19.43 -5.87
C PRO G 67 -15.52 20.76 -5.46
N GLY G 68 -14.34 21.06 -6.00
CA GLY G 68 -13.58 22.22 -5.55
C GLY G 68 -12.48 21.94 -4.56
N GLY G 69 -12.12 22.92 -3.73
CA GLY G 69 -11.00 22.72 -2.84
C GLY G 69 -10.23 23.96 -2.44
N SER G 70 -8.96 23.76 -2.07
CA SER G 70 -8.14 24.86 -1.59
C SER G 70 -8.09 26.02 -2.57
N ILE G 71 -8.15 27.22 -2.02
CA ILE G 71 -8.08 28.43 -2.83
C ILE G 71 -6.67 28.66 -3.39
N THR G 72 -5.63 28.26 -2.65
CA THR G 72 -4.26 28.40 -3.13
C THR G 72 -3.85 27.34 -4.14
N ALA G 73 -4.16 26.09 -3.87
CA ALA G 73 -4.00 25.05 -4.88
C ALA G 73 -4.71 25.53 -6.15
N GLY G 74 -5.94 26.01 -5.98
CA GLY G 74 -6.70 26.56 -7.09
C GLY G 74 -5.95 27.64 -7.86
N MET G 75 -5.46 28.66 -7.18
CA MET G 75 -4.84 29.77 -7.92
C MET G 75 -3.55 29.33 -8.62
N ALA G 76 -2.82 28.38 -8.03
CA ALA G 76 -1.60 27.90 -8.64
C ALA G 76 -1.96 27.39 -10.02
N ILE G 77 -3.07 26.66 -10.08
CA ILE G 77 -3.53 26.05 -11.33
C ILE G 77 -3.99 27.17 -12.26
N TYR G 78 -4.83 28.05 -11.73
CA TYR G 78 -5.35 29.17 -12.49
C TYR G 78 -4.22 29.95 -13.15
N ASP G 79 -3.23 30.34 -12.34
CA ASP G 79 -2.15 31.22 -12.78
C ASP G 79 -1.20 30.53 -13.75
N THR G 80 -1.16 29.20 -13.70
CA THR G 80 -0.31 28.48 -14.60
C THR G 80 -0.98 28.40 -15.95
N MET G 81 -2.31 28.27 -15.93
CA MET G 81 -3.08 28.26 -17.17
C MET G 81 -2.79 29.53 -17.98
N GLN G 82 -2.73 30.66 -17.28
CA GLN G 82 -2.51 31.96 -17.91
C GLN G 82 -1.05 32.15 -18.33
N PHE G 83 -0.15 31.74 -17.46
CA PHE G 83 1.27 31.95 -17.63
C PHE G 83 1.85 31.27 -18.88
N ILE G 84 1.35 30.09 -19.21
CA ILE G 84 1.78 29.37 -20.42
C ILE G 84 1.15 29.88 -21.74
N LYS G 85 1.85 29.54 -22.82
CA LYS G 85 1.49 29.89 -24.20
C LYS G 85 0.26 29.15 -24.70
N PRO G 86 0.24 27.81 -24.58
CA PRO G 86 -0.91 27.08 -25.10
C PRO G 86 -2.21 27.68 -24.60
N LYS G 87 -3.17 27.85 -25.51
CA LYS G 87 -4.49 28.27 -25.09
C LYS G 87 -5.10 27.07 -24.38
N VAL G 88 -5.60 27.28 -23.17
CA VAL G 88 -6.14 26.17 -22.41
C VAL G 88 -7.66 26.19 -22.42
N SER G 89 -8.24 25.12 -22.97
CA SER G 89 -9.67 25.01 -23.13
C SER G 89 -10.23 24.18 -22.01
N THR G 90 -11.31 24.64 -21.38
CA THR G 90 -11.90 23.88 -20.28
C THR G 90 -13.22 23.24 -20.67
N ILE G 91 -13.44 21.99 -20.26
CA ILE G 91 -14.74 21.35 -20.42
C ILE G 91 -15.31 20.89 -19.06
N CYS G 92 -16.51 21.35 -18.74
CA CYS G 92 -17.15 20.87 -17.54
C CYS G 92 -17.98 19.61 -17.84
N ILE G 93 -17.61 18.48 -17.24
CA ILE G 93 -18.44 17.27 -17.29
C ILE G 93 -18.86 16.97 -15.85
N GLY G 94 -20.07 16.45 -15.65
CA GLY G 94 -20.48 16.25 -14.27
C GLY G 94 -20.71 17.57 -13.59
N MET G 95 -19.90 17.88 -12.58
CA MET G 95 -20.04 19.12 -11.85
C MET G 95 -18.72 19.90 -11.82
N ALA G 96 -18.76 21.22 -11.93
CA ALA G 96 -17.60 22.03 -11.57
C ALA G 96 -18.03 23.01 -10.51
N ALA G 97 -17.57 22.80 -9.29
CA ALA G 97 -18.00 23.64 -8.19
C ALA G 97 -16.83 24.34 -7.53
N SER G 98 -17.10 25.54 -7.05
CA SER G 98 -16.21 26.22 -6.11
C SER G 98 -14.90 26.62 -6.84
N MET G 99 -13.72 26.19 -6.39
CA MET G 99 -12.52 26.40 -7.22
C MET G 99 -12.64 25.72 -8.60
N GLY G 100 -13.38 24.61 -8.67
CA GLY G 100 -13.72 24.00 -9.94
C GLY G 100 -14.42 24.97 -10.89
N ALA G 101 -15.50 25.59 -10.45
CA ALA G 101 -16.17 26.59 -11.27
C ALA G 101 -15.20 27.69 -11.69
N PHE G 102 -14.33 28.07 -10.79
CA PHE G 102 -13.45 29.19 -11.05
C PHE G 102 -12.47 28.84 -12.20
N LEU G 103 -11.97 27.60 -12.21
CA LEU G 103 -11.11 27.12 -13.29
C LEU G 103 -11.86 26.93 -14.62
N LEU G 104 -13.11 26.49 -14.54
CA LEU G 104 -13.89 26.30 -15.75
C LEU G 104 -13.98 27.63 -16.48
N ALA G 105 -14.21 28.68 -15.70
CA ALA G 105 -14.40 30.02 -16.22
C ALA G 105 -13.07 30.65 -16.63
N ALA G 106 -11.96 29.98 -16.31
CA ALA G 106 -10.62 30.51 -16.57
C ALA G 106 -10.03 30.01 -17.88
N GLY G 107 -10.81 29.23 -18.62
CA GLY G 107 -10.34 28.75 -19.90
C GLY G 107 -10.37 29.89 -20.90
N GLU G 108 -9.62 29.73 -21.99
CA GLU G 108 -9.55 30.71 -23.05
C GLU G 108 -10.97 31.07 -23.46
N LYS G 109 -11.24 32.36 -23.65
CA LYS G 109 -12.58 32.76 -24.06
C LYS G 109 -12.94 32.09 -25.38
N GLY G 110 -14.17 31.59 -25.45
CA GLY G 110 -14.65 30.90 -26.64
C GLY G 110 -14.29 29.43 -26.60
N LYS G 111 -13.36 29.09 -25.72
CA LYS G 111 -12.98 27.69 -25.48
C LYS G 111 -13.52 27.01 -24.21
N ARG G 112 -14.43 27.66 -23.50
CA ARG G 112 -15.00 27.12 -22.26
C ARG G 112 -16.33 26.40 -22.50
N TYR G 113 -16.35 25.10 -22.22
CA TYR G 113 -17.45 24.25 -22.61
C TYR G 113 -18.11 23.56 -21.42
N ALA G 114 -19.32 23.04 -21.64
CA ALA G 114 -19.97 22.15 -20.68
C ALA G 114 -20.79 21.15 -21.46
N LEU G 115 -20.99 19.96 -20.90
CA LEU G 115 -21.97 19.02 -21.44
C LEU G 115 -23.36 19.31 -20.87
N PRO G 116 -24.41 18.85 -21.56
CA PRO G 116 -25.76 19.36 -21.36
C PRO G 116 -26.30 19.13 -19.96
N ASN G 117 -25.87 18.05 -19.32
CA ASN G 117 -26.33 17.72 -17.99
C ASN G 117 -25.39 18.14 -16.85
N SER G 118 -24.33 18.86 -17.21
CA SER G 118 -23.40 19.46 -16.24
C SER G 118 -24.06 20.44 -15.28
N GLU G 119 -23.50 20.49 -14.07
CA GLU G 119 -23.82 21.52 -13.09
C GLU G 119 -22.58 22.38 -12.85
N VAL G 120 -22.82 23.63 -12.50
CA VAL G 120 -21.76 24.52 -12.03
C VAL G 120 -22.26 25.18 -10.77
N MET G 121 -21.38 25.28 -9.77
CA MET G 121 -21.74 25.95 -8.53
C MET G 121 -20.65 26.95 -8.13
N ILE G 122 -21.05 28.19 -7.87
CA ILE G 122 -20.11 29.15 -7.31
C ILE G 122 -20.58 29.51 -5.91
N HIS G 123 -19.64 29.88 -5.05
CA HIS G 123 -19.94 30.38 -3.70
C HIS G 123 -18.75 31.15 -3.11
N GLN G 124 -18.95 31.74 -1.93
CA GLN G 124 -17.86 32.46 -1.26
C GLN G 124 -16.92 31.52 -0.51
N PRO G 125 -15.71 31.97 -0.20
CA PRO G 125 -14.69 31.09 0.38
C PRO G 125 -15.06 30.59 1.78
N LEU G 126 -14.55 29.41 2.10
CA LEU G 126 -14.76 28.74 3.39
C LEU G 126 -13.42 28.63 4.14
N GLY G 127 -13.46 28.82 5.46
CA GLY G 127 -12.24 28.75 6.25
C GLY G 127 -12.47 28.73 7.74
N GLY G 128 -11.41 28.96 8.49
CA GLY G 128 -11.49 28.89 9.93
C GLY G 128 -10.45 29.78 10.57
N ALA G 129 -10.72 30.15 11.82
CA ALA G 129 -9.76 30.85 12.68
C ALA G 129 -9.95 30.35 14.10
N GLN G 130 -8.89 29.90 14.75
CA GLN G 130 -8.98 29.59 16.16
C GLN G 130 -7.86 30.34 16.85
N GLY G 131 -8.12 30.96 17.99
CA GLY G 131 -7.06 31.69 18.65
C GLY G 131 -7.43 32.94 19.41
N GLN G 132 -6.41 33.77 19.59
CA GLN G 132 -6.58 35.10 20.18
C GLN G 132 -7.35 35.99 19.22
N ALA G 133 -8.10 36.95 19.77
CA ALA G 133 -8.81 37.93 18.96
C ALA G 133 -7.93 38.53 17.88
N THR G 134 -6.65 38.66 18.17
CA THR G 134 -5.70 39.16 17.19
C THR G 134 -5.54 38.24 15.96
N GLU G 135 -5.26 36.98 16.22
CA GLU G 135 -5.17 35.95 15.19
C GLU G 135 -6.47 35.81 14.39
N ILE G 136 -7.61 35.90 15.08
CA ILE G 136 -8.91 35.81 14.43
C ILE G 136 -9.05 36.96 13.43
N GLU G 137 -8.62 38.16 13.82
CA GLU G 137 -8.69 39.33 12.98
C GLU G 137 -7.82 39.14 11.74
N ILE G 138 -6.60 38.66 11.94
CA ILE G 138 -5.68 38.44 10.83
C ILE G 138 -6.34 37.51 9.84
N ALA G 139 -6.96 36.45 10.38
CA ALA G 139 -7.52 35.41 9.55
C ALA G 139 -8.77 35.90 8.81
N ALA G 140 -9.54 36.74 9.47
CA ALA G 140 -10.73 37.32 8.85
C ALA G 140 -10.32 38.26 7.74
N LYS G 141 -9.32 39.11 8.00
CA LYS G 141 -8.87 40.06 7.00
C LYS G 141 -8.37 39.33 5.77
N ARG G 142 -7.69 38.21 5.96
CA ARG G 142 -7.15 37.48 4.81
C ARG G 142 -8.24 36.80 3.96
N ILE G 143 -9.32 36.34 4.59
CA ILE G 143 -10.32 35.62 3.82
C ILE G 143 -11.19 36.59 3.05
N LEU G 144 -11.40 37.78 3.61
CA LEU G 144 -12.14 38.79 2.89
C LEU G 144 -11.30 39.32 1.73
N LEU G 145 -9.99 39.26 1.85
CA LEU G 145 -9.14 39.61 0.72
C LEU G 145 -9.27 38.58 -0.38
N LEU G 146 -9.26 37.29 -0.01
CA LEU G 146 -9.42 36.22 -1.00
C LEU G 146 -10.78 36.35 -1.66
N ARG G 147 -11.81 36.54 -0.85
CA ARG G 147 -13.15 36.73 -1.36
C ARG G 147 -13.13 37.78 -2.45
N ASP G 148 -12.48 38.90 -2.17
CA ASP G 148 -12.55 40.05 -3.03
C ASP G 148 -11.68 39.84 -4.26
N LYS G 149 -10.61 39.08 -4.09
CA LYS G 149 -9.73 38.77 -5.21
C LYS G 149 -10.37 37.80 -6.16
N LEU G 150 -11.14 36.84 -5.64
CA LEU G 150 -11.83 35.86 -6.47
C LEU G 150 -12.96 36.54 -7.25
N ASN G 151 -13.83 37.23 -6.53
CA ASN G 151 -14.90 38.00 -7.17
C ASN G 151 -14.41 38.89 -8.31
N LYS G 152 -13.35 39.67 -8.11
CA LYS G 152 -12.88 40.53 -9.19
C LYS G 152 -12.42 39.73 -10.40
N VAL G 153 -11.95 38.50 -10.18
CA VAL G 153 -11.52 37.73 -11.34
C VAL G 153 -12.71 37.10 -12.04
N LEU G 154 -13.68 36.62 -11.26
CA LEU G 154 -14.90 36.07 -11.83
C LEU G 154 -15.65 37.12 -12.64
N ALA G 155 -15.69 38.36 -12.16
CA ALA G 155 -16.37 39.44 -12.85
C ALA G 155 -15.70 39.66 -14.20
N GLU G 156 -14.38 39.66 -14.22
CA GLU G 156 -13.66 39.88 -15.46
C GLU G 156 -13.91 38.72 -16.43
N ARG G 157 -13.75 37.49 -15.97
CA ARG G 157 -13.88 36.33 -16.85
C ARG G 157 -15.30 36.10 -17.39
N THR G 158 -16.29 36.39 -16.56
CA THR G 158 -17.71 36.30 -16.92
C THR G 158 -18.34 37.50 -17.66
N GLY G 159 -17.92 38.71 -17.33
CA GLY G 159 -18.54 39.91 -17.86
C GLY G 159 -19.47 40.62 -16.88
N GLN G 160 -19.96 39.89 -15.89
CA GLN G 160 -20.86 40.46 -14.89
C GLN G 160 -20.23 41.58 -14.05
N PRO G 161 -21.05 42.51 -13.54
CA PRO G 161 -20.54 43.51 -12.59
C PRO G 161 -20.19 42.94 -11.22
N LEU G 162 -19.11 43.44 -10.65
CA LEU G 162 -18.64 42.94 -9.37
C LEU G 162 -19.78 42.82 -8.36
N GLU G 163 -20.66 43.82 -8.31
CA GLU G 163 -21.71 43.85 -7.30
C GLU G 163 -22.72 42.73 -7.51
N VAL G 164 -22.83 42.24 -8.74
CA VAL G 164 -23.68 41.10 -9.01
C VAL G 164 -23.04 39.81 -8.50
N ILE G 165 -21.80 39.58 -8.92
CA ILE G 165 -21.01 38.45 -8.44
C ILE G 165 -21.02 38.35 -6.92
N GLU G 166 -20.77 39.46 -6.24
CA GLU G 166 -20.78 39.48 -4.77
C GLU G 166 -22.12 39.04 -4.21
N ARG G 167 -23.19 39.43 -4.87
CA ARG G 167 -24.52 39.07 -4.41
C ARG G 167 -24.90 37.62 -4.76
N ASP G 168 -24.43 37.17 -5.92
CA ASP G 168 -24.71 35.81 -6.40
C ASP G 168 -23.87 34.74 -5.69
N THR G 169 -22.76 35.11 -5.07
CA THR G 169 -21.94 34.14 -4.37
C THR G 169 -22.19 34.07 -2.85
N ASP G 170 -23.15 34.85 -2.34
CA ASP G 170 -23.38 34.90 -0.89
C ASP G 170 -23.64 33.50 -0.30
N ARG G 171 -24.48 32.72 -0.97
CA ARG G 171 -24.68 31.33 -0.55
C ARG G 171 -24.46 30.42 -1.75
N ASP G 172 -24.54 29.09 -1.56
CA ASP G 172 -24.31 28.18 -2.70
C ASP G 172 -25.26 28.54 -3.82
N ASN G 173 -24.69 28.73 -5.00
CA ASN G 173 -25.46 29.06 -6.18
C ASN G 173 -25.26 27.95 -7.21
N PHE G 174 -26.29 27.13 -7.42
CA PHE G 174 -26.18 26.03 -8.34
C PHE G 174 -26.76 26.41 -9.69
N LYS G 175 -26.04 26.09 -10.76
CA LYS G 175 -26.49 26.46 -12.10
C LYS G 175 -26.44 25.31 -13.09
N SER G 176 -27.47 25.21 -13.92
CA SER G 176 -27.43 24.33 -15.09
C SER G 176 -26.45 24.86 -16.15
N ALA G 177 -26.08 24.00 -17.08
CA ALA G 177 -25.17 24.40 -18.13
C ALA G 177 -25.73 25.58 -18.94
N GLU G 178 -27.04 25.62 -19.12
CA GLU G 178 -27.66 26.74 -19.81
C GLU G 178 -27.56 28.00 -18.97
N GLU G 179 -27.71 27.85 -17.66
CA GLU G 179 -27.56 28.98 -16.76
C GLU G 179 -26.09 29.41 -16.68
N ALA G 180 -25.18 28.43 -16.66
CA ALA G 180 -23.76 28.73 -16.70
C ALA G 180 -23.51 29.57 -17.92
N LEU G 181 -24.10 29.15 -19.04
CA LEU G 181 -23.87 29.80 -20.32
C LEU G 181 -24.41 31.23 -20.33
N GLU G 182 -25.60 31.39 -19.75
CA GLU G 182 -26.26 32.70 -19.75
C GLU G 182 -25.58 33.68 -18.80
N TYR G 183 -24.83 33.16 -17.84
CA TYR G 183 -24.18 34.00 -16.84
C TYR G 183 -22.77 34.39 -17.26
N GLY G 184 -22.24 33.70 -18.27
CA GLY G 184 -20.92 33.98 -18.76
C GLY G 184 -19.80 33.11 -18.21
N LEU G 185 -20.11 31.97 -17.57
CA LEU G 185 -19.07 31.06 -17.08
C LEU G 185 -18.50 30.16 -18.18
N ILE G 186 -19.32 29.85 -19.17
CA ILE G 186 -18.91 29.03 -20.30
C ILE G 186 -19.44 29.61 -21.62
N ASP G 187 -18.73 29.35 -22.71
CA ASP G 187 -19.08 29.81 -24.05
C ASP G 187 -20.05 28.94 -24.85
N LYS G 188 -19.98 27.63 -24.70
CA LYS G 188 -20.83 26.76 -25.51
C LYS G 188 -21.18 25.45 -24.80
N ILE G 189 -22.41 24.99 -24.96
CA ILE G 189 -22.82 23.66 -24.48
C ILE G 189 -22.65 22.62 -25.58
N LEU G 190 -21.75 21.66 -25.37
CA LEU G 190 -21.35 20.71 -26.39
C LEU G 190 -22.33 19.56 -26.64
N THR G 191 -22.39 19.11 -27.90
CA THR G 191 -22.96 17.81 -28.30
C THR G 191 -22.29 17.34 -29.60
#